data_1FT2
#
_entry.id   1FT2
#
_cell.length_a   166.660
_cell.length_b   166.660
_cell.length_c   98.820
_cell.angle_alpha   90.00
_cell.angle_beta   90.00
_cell.angle_gamma   120.00
#
_symmetry.space_group_name_H-M   'P 65'
#
loop_
_entity.id
_entity.type
_entity.pdbx_description
1 polymer 'PROTEIN FARNESYLTRANSFERASE'
2 polymer 'PROTEIN FARNESYLTRANSFERASE'
3 non-polymer 'ZINC ION'
4 non-polymer 'FARNESYL DIPHOSPHATE'
#
loop_
_entity_poly.entity_id
_entity_poly.type
_entity_poly.pdbx_seq_one_letter_code
_entity_poly.pdbx_strand_id
1 'polypeptide(L)'
;FLSLDSPTYVLYRDRAEWADIDPVPQNDGPSPVVQIIYSEKFRDVYDYFRAVLQRDERSERAFKLTRDAIELNAANYTVW
HFRRVLLRSLQKDLQEEMNYIIAIIEEQPKNYQVWHHRRVLVEWLKDPSQELEFIADILNQDAKNYHAWQHRQWVIQEFR
LWDNELQYVDQLLKEDVRNNSVWNQRHFVISNTTGYSDRAVLEREVQYTLEMIKLVPHNESAWNYLKGILQDRGLSRYPN
LLNQLLDLQPSHSSPYLIAFLVDIYEDMLENQCDNKEDILNKALELCEILAKEKDTIRKEYWRYIGRSLQSKHSR
;
A
2 'polypeptide(L)'
;PLYSLRPEHARERLQDDSVETVTSIEQAKVEEKIQEVFSSYKFNHLVPRLVLQREKHFHYLKRGLRQLTDAYECLDASRP
WLCYWILHSLELLDEPIPQIVATDVCQFLELCQSPDGGFGGGPGQYPHLAPTYAAVNALCIIGTEEAYNVINREKLLQYL
YSLKQPDGSFLMHVGGEVDVRSAYCAASVASLTNIITPDLFEGTAEWIARCQNWEGGIGGVPGMEAHGGYTFCGLAALVI
LKKERSLNLKSLLQWVTSRQMRFEGGFQGRCNKLVDGCYSFWQAGLLPLLHRALHAQGDPALSMSHWMFHQQALQEYILM
CCQCPAGGLLDKPGKSRDFYHTCYCLSGLSIAQHFGSGAMLHDVVMGVPENVLQPTHPVYNIGPDKVIQATTHFLQKPVP
G
;
B
#
# COMPACT_ATOMS: atom_id res chain seq x y z
N PHE A 1 -6.17 8.89 -34.26
CA PHE A 1 -6.11 8.63 -35.73
C PHE A 1 -5.76 7.19 -36.05
N LEU A 2 -4.50 6.98 -36.43
CA LEU A 2 -4.02 5.66 -36.79
C LEU A 2 -3.74 4.86 -35.52
N SER A 3 -4.62 3.90 -35.23
CA SER A 3 -4.50 3.04 -34.05
C SER A 3 -3.26 2.19 -34.18
N LEU A 4 -2.66 1.87 -33.05
CA LEU A 4 -1.46 1.05 -33.04
C LEU A 4 -1.69 -0.37 -33.58
N ASP A 5 -2.96 -0.77 -33.73
CA ASP A 5 -3.28 -2.10 -34.25
C ASP A 5 -3.81 -2.11 -35.69
N SER A 6 -3.94 -0.92 -36.27
CA SER A 6 -4.44 -0.78 -37.63
C SER A 6 -3.59 -1.55 -38.62
N PRO A 7 -4.25 -2.24 -39.58
CA PRO A 7 -3.48 -3.00 -40.58
C PRO A 7 -2.62 -2.02 -41.35
N THR A 8 -3.12 -0.80 -41.45
CA THR A 8 -2.44 0.27 -42.17
C THR A 8 -1.62 1.21 -41.31
N TYR A 9 -1.38 0.85 -40.05
CA TYR A 9 -0.57 1.68 -39.15
C TYR A 9 0.85 1.77 -39.74
N VAL A 10 1.44 2.96 -39.70
CA VAL A 10 2.78 3.17 -40.25
C VAL A 10 3.75 3.70 -39.19
N LEU A 11 4.98 3.20 -39.21
CA LEU A 11 6.00 3.63 -38.23
C LEU A 11 6.39 5.11 -38.34
N TYR A 12 6.65 5.74 -37.21
CA TYR A 12 7.06 7.14 -37.22
C TYR A 12 8.34 7.32 -38.02
N ARG A 13 9.14 6.26 -38.11
CA ARG A 13 10.40 6.33 -38.85
C ARG A 13 10.16 6.36 -40.36
N ASP A 14 8.94 5.98 -40.75
CA ASP A 14 8.55 5.95 -42.16
C ASP A 14 7.44 6.94 -42.47
N ARG A 15 7.14 7.81 -41.53
CA ARG A 15 6.12 8.81 -41.76
C ARG A 15 6.82 10.04 -42.30
N ALA A 16 6.29 10.58 -43.38
CA ALA A 16 6.87 11.77 -43.99
C ALA A 16 6.82 12.98 -43.07
N GLU A 17 5.65 13.22 -42.49
CA GLU A 17 5.45 14.36 -41.59
C GLU A 17 6.53 14.45 -40.50
N TRP A 18 7.19 13.33 -40.22
CA TRP A 18 8.22 13.24 -39.19
C TRP A 18 9.64 13.14 -39.73
N ALA A 19 9.77 13.11 -41.05
CA ALA A 19 11.06 12.98 -41.71
C ALA A 19 12.18 13.90 -41.24
N ASP A 20 11.82 15.15 -40.98
CA ASP A 20 12.78 16.16 -40.56
C ASP A 20 13.44 15.89 -39.22
N ILE A 21 12.73 15.16 -38.37
CA ILE A 21 13.23 14.90 -37.04
C ILE A 21 14.01 13.60 -36.90
N ASP A 22 15.18 13.73 -36.29
CA ASP A 22 16.08 12.62 -36.05
C ASP A 22 15.74 11.97 -34.73
N PRO A 23 15.05 10.82 -34.76
CA PRO A 23 14.69 10.15 -33.51
C PRO A 23 15.88 10.00 -32.54
N VAL A 24 15.55 9.87 -31.27
CA VAL A 24 16.56 9.73 -30.23
C VAL A 24 16.40 8.38 -29.57
N PRO A 25 17.38 7.49 -29.77
CA PRO A 25 17.29 6.18 -29.13
C PRO A 25 17.61 6.29 -27.63
N GLN A 26 16.94 5.46 -26.85
CA GLN A 26 17.14 5.44 -25.41
C GLN A 26 18.51 4.82 -25.17
N ASN A 27 19.25 5.33 -24.20
CA ASN A 27 20.55 4.75 -23.88
C ASN A 27 20.55 4.07 -22.52
N ASP A 28 20.83 2.77 -22.50
CA ASP A 28 20.86 1.99 -21.25
C ASP A 28 22.27 1.59 -20.81
N GLY A 29 23.28 2.08 -21.52
CA GLY A 29 24.66 1.77 -21.18
C GLY A 29 25.25 0.62 -21.99
N PRO A 30 26.54 0.26 -21.74
CA PRO A 30 27.20 -0.83 -22.46
C PRO A 30 26.74 -2.25 -22.12
N SER A 31 26.21 -2.43 -20.91
CA SER A 31 25.73 -3.74 -20.46
C SER A 31 24.47 -3.54 -19.63
N PRO A 32 23.33 -3.35 -20.31
CA PRO A 32 22.02 -3.13 -19.68
C PRO A 32 21.68 -4.11 -18.58
N VAL A 33 20.80 -3.64 -17.71
CA VAL A 33 20.30 -4.44 -16.61
C VAL A 33 18.83 -4.09 -16.67
N VAL A 34 17.99 -4.97 -16.15
CA VAL A 34 16.53 -4.77 -16.17
C VAL A 34 16.10 -4.14 -17.51
N GLN A 35 16.64 -4.68 -18.60
CA GLN A 35 16.32 -4.19 -19.94
C GLN A 35 15.18 -4.93 -20.63
N ILE A 36 14.14 -4.17 -20.96
CA ILE A 36 12.95 -4.69 -21.61
C ILE A 36 13.19 -4.83 -23.10
N ILE A 37 12.75 -5.95 -23.66
CA ILE A 37 12.90 -6.21 -25.08
C ILE A 37 11.62 -5.64 -25.70
N TYR A 38 11.63 -4.33 -25.92
CA TYR A 38 10.49 -3.65 -26.47
C TYR A 38 10.13 -4.22 -27.82
N SER A 39 8.88 -4.01 -28.19
CA SER A 39 8.39 -4.43 -29.48
C SER A 39 8.94 -3.34 -30.42
N GLU A 40 8.84 -3.55 -31.73
CA GLU A 40 9.34 -2.55 -32.66
C GLU A 40 8.51 -1.27 -32.61
N LYS A 41 7.20 -1.43 -32.57
CA LYS A 41 6.33 -0.26 -32.50
C LYS A 41 6.62 0.60 -31.26
N PHE A 42 6.72 -0.04 -30.11
CA PHE A 42 6.98 0.64 -28.84
C PHE A 42 8.25 1.50 -28.94
N ARG A 43 9.37 0.84 -29.27
CA ARG A 43 10.68 1.49 -29.41
C ARG A 43 10.64 2.65 -30.39
N ASP A 44 9.92 2.43 -31.49
CA ASP A 44 9.79 3.45 -32.51
C ASP A 44 9.15 4.72 -31.94
N VAL A 45 7.93 4.59 -31.40
CA VAL A 45 7.19 5.71 -30.82
C VAL A 45 8.05 6.45 -29.82
N TYR A 46 8.59 5.68 -28.88
CA TYR A 46 9.43 6.26 -27.85
C TYR A 46 10.73 6.84 -28.39
N ASP A 47 11.21 6.33 -29.52
CA ASP A 47 12.44 6.87 -30.11
C ASP A 47 12.09 8.29 -30.57
N TYR A 48 10.85 8.49 -31.01
CA TYR A 48 10.41 9.80 -31.47
C TYR A 48 9.92 10.70 -30.33
N PHE A 49 9.30 10.13 -29.30
CA PHE A 49 8.87 10.95 -28.16
C PHE A 49 10.15 11.59 -27.63
N ARG A 50 11.19 10.79 -27.48
CA ARG A 50 12.47 11.29 -27.00
C ARG A 50 12.97 12.47 -27.82
N ALA A 51 12.70 12.44 -29.12
CA ALA A 51 13.11 13.52 -30.01
C ALA A 51 12.22 14.75 -29.82
N VAL A 52 10.93 14.52 -29.62
CA VAL A 52 9.97 15.59 -29.41
C VAL A 52 10.24 16.27 -28.06
N LEU A 53 10.45 15.44 -27.04
CA LEU A 53 10.70 15.89 -25.68
C LEU A 53 12.03 16.65 -25.60
N GLN A 54 13.05 16.12 -26.28
CA GLN A 54 14.37 16.75 -26.29
C GLN A 54 14.32 18.20 -26.75
N ARG A 55 13.71 18.46 -27.89
CA ARG A 55 13.63 19.81 -28.40
C ARG A 55 12.36 20.52 -27.92
N ASP A 56 11.67 19.93 -26.94
CA ASP A 56 10.44 20.52 -26.37
C ASP A 56 9.43 20.96 -27.43
N GLU A 57 9.44 20.27 -28.57
CA GLU A 57 8.57 20.60 -29.68
C GLU A 57 7.10 20.68 -29.34
N ARG A 58 6.57 21.89 -29.30
CA ARG A 58 5.17 22.13 -28.97
C ARG A 58 4.28 22.08 -30.21
N SER A 59 4.33 20.97 -30.94
CA SER A 59 3.55 20.82 -32.15
C SER A 59 2.29 19.97 -31.97
N GLU A 60 1.47 19.93 -33.01
CA GLU A 60 0.24 19.13 -33.02
C GLU A 60 0.63 17.67 -33.25
N ARG A 61 1.65 17.47 -34.08
CA ARG A 61 2.13 16.13 -34.37
C ARG A 61 2.56 15.46 -33.08
N ALA A 62 3.37 16.17 -32.29
CA ALA A 62 3.85 15.66 -31.01
C ALA A 62 2.68 15.34 -30.06
N PHE A 63 1.67 16.20 -30.05
CA PHE A 63 0.50 15.98 -29.19
C PHE A 63 -0.12 14.63 -29.55
N LYS A 64 -0.24 14.37 -30.84
CA LYS A 64 -0.81 13.11 -31.27
C LYS A 64 0.13 11.94 -30.93
N LEU A 65 1.44 12.17 -31.03
CA LEU A 65 2.46 11.15 -30.73
C LEU A 65 2.33 10.67 -29.29
N THR A 66 1.97 11.57 -28.39
CA THR A 66 1.79 11.24 -26.98
C THR A 66 0.69 10.20 -26.78
N ARG A 67 -0.35 10.25 -27.62
CA ARG A 67 -1.48 9.32 -27.53
C ARG A 67 -1.02 7.88 -27.66
N ASP A 68 -0.23 7.61 -28.68
CA ASP A 68 0.28 6.28 -28.90
C ASP A 68 1.17 5.90 -27.73
N ALA A 69 2.08 6.82 -27.36
CA ALA A 69 3.01 6.58 -26.26
C ALA A 69 2.27 6.10 -25.04
N ILE A 70 1.18 6.80 -24.75
CA ILE A 70 0.33 6.46 -23.61
C ILE A 70 -0.30 5.08 -23.78
N GLU A 71 -0.71 4.75 -25.00
CA GLU A 71 -1.30 3.45 -25.25
C GLU A 71 -0.24 2.40 -24.88
N LEU A 72 0.97 2.62 -25.39
CA LEU A 72 2.08 1.71 -25.16
C LEU A 72 2.52 1.53 -23.72
N ASN A 73 2.23 2.52 -22.88
CA ASN A 73 2.54 2.50 -21.44
C ASN A 73 1.88 3.69 -20.80
N ALA A 74 0.63 3.51 -20.40
CA ALA A 74 -0.11 4.59 -19.76
C ALA A 74 0.44 4.96 -18.39
N ALA A 75 1.44 4.22 -17.92
CA ALA A 75 2.04 4.54 -16.64
C ALA A 75 3.13 5.61 -16.75
N ASN A 76 3.54 5.92 -17.99
CA ASN A 76 4.59 6.91 -18.23
C ASN A 76 4.15 8.30 -17.81
N TYR A 77 4.50 8.65 -16.57
CA TYR A 77 4.14 9.95 -16.06
C TYR A 77 4.78 11.05 -16.90
N THR A 78 6.02 10.81 -17.35
CA THR A 78 6.75 11.78 -18.18
C THR A 78 5.93 12.13 -19.41
N VAL A 79 5.36 11.12 -20.05
CA VAL A 79 4.54 11.35 -21.23
C VAL A 79 3.30 12.14 -20.85
N TRP A 80 2.66 11.77 -19.74
CA TRP A 80 1.47 12.43 -19.27
C TRP A 80 1.64 13.93 -19.02
N HIS A 81 2.82 14.28 -18.52
CA HIS A 81 3.15 15.66 -18.21
C HIS A 81 3.28 16.50 -19.46
N PHE A 82 4.15 16.05 -20.36
CA PHE A 82 4.43 16.75 -21.60
C PHE A 82 3.16 16.96 -22.42
N ARG A 83 2.24 16.00 -22.40
CA ARG A 83 1.00 16.14 -23.13
C ARG A 83 0.23 17.33 -22.61
N ARG A 84 0.17 17.47 -21.29
CA ARG A 84 -0.53 18.58 -20.70
C ARG A 84 0.21 19.86 -21.11
N VAL A 85 1.54 19.79 -21.09
CA VAL A 85 2.39 20.91 -21.49
C VAL A 85 1.98 21.35 -22.88
N LEU A 86 1.63 20.38 -23.72
CA LEU A 86 1.20 20.61 -25.08
C LEU A 86 -0.23 21.16 -25.14
N LEU A 87 -1.15 20.53 -24.41
CA LEU A 87 -2.55 20.97 -24.38
C LEU A 87 -2.58 22.48 -24.13
N ARG A 88 -1.75 22.94 -23.19
CA ARG A 88 -1.66 24.36 -22.86
C ARG A 88 -1.13 25.07 -24.08
N SER A 89 0.09 24.74 -24.46
CA SER A 89 0.76 25.36 -25.61
C SER A 89 -0.03 25.41 -26.91
N LEU A 90 -0.90 24.45 -27.11
CA LEU A 90 -1.66 24.43 -28.34
C LEU A 90 -3.12 24.80 -28.14
N GLN A 91 -3.44 25.39 -26.98
CA GLN A 91 -4.81 25.84 -26.65
C GLN A 91 -5.83 24.77 -27.04
N LYS A 92 -5.56 23.53 -26.67
CA LYS A 92 -6.46 22.44 -27.01
C LYS A 92 -7.86 22.48 -26.40
N ASP A 93 -8.84 22.02 -27.18
CA ASP A 93 -10.25 21.96 -26.77
C ASP A 93 -10.30 21.00 -25.60
N LEU A 94 -10.35 21.55 -24.39
CA LEU A 94 -10.39 20.71 -23.20
C LEU A 94 -11.55 19.69 -23.07
N GLN A 95 -12.73 19.99 -23.63
CA GLN A 95 -13.84 19.03 -23.55
C GLN A 95 -13.57 17.81 -24.44
N GLU A 96 -12.87 18.05 -25.55
CA GLU A 96 -12.52 17.00 -26.49
C GLU A 96 -11.62 16.06 -25.71
N GLU A 97 -10.65 16.63 -25.00
CA GLU A 97 -9.71 15.89 -24.17
C GLU A 97 -10.42 15.19 -23.03
N MET A 98 -11.49 15.82 -22.51
CA MET A 98 -12.28 15.21 -21.45
C MET A 98 -12.86 13.94 -22.01
N ASN A 99 -13.33 14.01 -23.25
CA ASN A 99 -13.89 12.83 -23.92
C ASN A 99 -12.80 11.76 -24.07
N TYR A 100 -11.57 12.19 -24.31
CA TYR A 100 -10.44 11.29 -24.45
C TYR A 100 -10.21 10.53 -23.14
N ILE A 101 -10.04 11.28 -22.06
CA ILE A 101 -9.78 10.70 -20.75
C ILE A 101 -10.92 9.84 -20.23
N ILE A 102 -12.16 10.21 -20.55
CA ILE A 102 -13.34 9.44 -20.14
C ILE A 102 -13.15 8.01 -20.65
N ALA A 103 -12.96 7.91 -21.98
CA ALA A 103 -12.75 6.65 -22.70
C ALA A 103 -11.57 5.87 -22.14
N ILE A 104 -10.46 6.58 -21.91
CA ILE A 104 -9.28 5.95 -21.37
C ILE A 104 -9.47 5.39 -19.95
N ILE A 105 -10.05 6.18 -19.05
CA ILE A 105 -10.27 5.72 -17.67
C ILE A 105 -11.15 4.47 -17.61
N GLU A 106 -12.23 4.47 -18.37
CA GLU A 106 -13.09 3.29 -18.38
C GLU A 106 -12.23 2.08 -18.78
N GLU A 107 -11.24 2.30 -19.63
CA GLU A 107 -10.32 1.25 -20.10
C GLU A 107 -9.35 0.78 -19.00
N GLN A 108 -8.64 1.71 -18.38
CA GLN A 108 -7.70 1.36 -17.32
C GLN A 108 -8.13 2.04 -16.03
N PRO A 109 -9.28 1.66 -15.47
CA PRO A 109 -9.78 2.25 -14.23
C PRO A 109 -8.83 2.23 -13.03
N LYS A 110 -7.80 1.40 -13.09
CA LYS A 110 -6.83 1.29 -12.00
C LYS A 110 -5.56 2.12 -12.14
N ASN A 111 -5.41 2.84 -13.26
CA ASN A 111 -4.20 3.64 -13.46
C ASN A 111 -4.26 5.01 -12.79
N TYR A 112 -3.25 5.31 -11.97
CA TYR A 112 -3.16 6.59 -11.27
C TYR A 112 -3.03 7.74 -12.26
N GLN A 113 -2.01 7.63 -13.11
CA GLN A 113 -1.73 8.64 -14.12
C GLN A 113 -3.01 9.13 -14.80
N VAL A 114 -3.89 8.20 -15.16
CA VAL A 114 -5.12 8.56 -15.82
C VAL A 114 -6.01 9.47 -14.98
N TRP A 115 -6.24 9.15 -13.72
CA TRP A 115 -7.12 10.01 -12.93
C TRP A 115 -6.52 11.40 -12.66
N HIS A 116 -5.20 11.46 -12.46
CA HIS A 116 -4.49 12.72 -12.20
C HIS A 116 -4.82 13.68 -13.33
N HIS A 117 -4.60 13.23 -14.56
CA HIS A 117 -4.89 14.02 -15.74
C HIS A 117 -6.34 14.49 -15.69
N ARG A 118 -7.30 13.61 -15.39
CA ARG A 118 -8.70 14.04 -15.33
C ARG A 118 -8.85 15.20 -14.34
N ARG A 119 -8.20 15.07 -13.19
CA ARG A 119 -8.22 16.07 -12.13
C ARG A 119 -7.79 17.44 -12.64
N VAL A 120 -6.63 17.48 -13.29
CA VAL A 120 -6.08 18.72 -13.84
C VAL A 120 -7.09 19.32 -14.79
N LEU A 121 -7.53 18.52 -15.76
CA LEU A 121 -8.49 18.97 -16.76
C LEU A 121 -9.70 19.57 -16.07
N VAL A 122 -10.09 18.98 -14.95
CA VAL A 122 -11.24 19.45 -14.19
C VAL A 122 -11.03 20.78 -13.50
N GLU A 123 -9.86 21.00 -12.91
CA GLU A 123 -9.64 22.29 -12.27
C GLU A 123 -9.47 23.36 -13.34
N TRP A 124 -8.81 22.98 -14.44
CA TRP A 124 -8.64 23.91 -15.56
C TRP A 124 -10.02 24.40 -15.98
N LEU A 125 -10.88 23.46 -16.40
CA LEU A 125 -12.24 23.79 -16.83
C LEU A 125 -13.08 24.37 -15.71
N LYS A 126 -12.69 24.09 -14.46
CA LYS A 126 -13.44 24.58 -13.31
C LYS A 126 -14.88 24.04 -13.36
N ASP A 127 -15.09 23.01 -14.17
CA ASP A 127 -16.40 22.42 -14.37
C ASP A 127 -16.47 20.96 -13.95
N PRO A 128 -17.16 20.69 -12.85
CA PRO A 128 -17.33 19.34 -12.30
C PRO A 128 -18.61 18.63 -12.73
N SER A 129 -19.37 19.24 -13.63
CA SER A 129 -20.66 18.70 -14.07
C SER A 129 -20.78 17.23 -14.47
N GLN A 130 -19.75 16.69 -15.13
CA GLN A 130 -19.78 15.31 -15.56
C GLN A 130 -19.29 14.33 -14.49
N GLU A 131 -18.44 14.84 -13.61
CA GLU A 131 -17.82 14.04 -12.56
C GLU A 131 -18.58 12.96 -11.80
N LEU A 132 -19.44 13.36 -10.86
CA LEU A 132 -20.19 12.40 -10.05
C LEU A 132 -20.83 11.27 -10.83
N GLU A 133 -21.40 11.61 -11.99
CA GLU A 133 -22.04 10.62 -12.85
C GLU A 133 -20.97 9.63 -13.33
N PHE A 134 -19.90 10.17 -13.91
CA PHE A 134 -18.83 9.37 -14.45
C PHE A 134 -18.20 8.43 -13.44
N ILE A 135 -17.93 8.96 -12.26
CA ILE A 135 -17.34 8.18 -11.18
C ILE A 135 -18.31 7.04 -10.84
N ALA A 136 -19.61 7.33 -10.87
CA ALA A 136 -20.65 6.34 -10.60
C ALA A 136 -20.58 5.17 -11.59
N ASP A 137 -20.31 5.46 -12.85
CA ASP A 137 -20.19 4.44 -13.89
C ASP A 137 -18.96 3.57 -13.64
N ILE A 138 -17.84 4.22 -13.31
CA ILE A 138 -16.58 3.53 -13.03
C ILE A 138 -16.77 2.65 -11.80
N LEU A 139 -17.48 3.19 -10.81
CA LEU A 139 -17.75 2.47 -9.57
C LEU A 139 -18.70 1.30 -9.75
N ASN A 140 -19.32 1.23 -10.93
CA ASN A 140 -20.20 0.12 -11.25
C ASN A 140 -19.30 -1.04 -11.69
N GLN A 141 -18.14 -0.68 -12.22
CA GLN A 141 -17.16 -1.67 -12.67
C GLN A 141 -16.49 -2.26 -11.41
N ASP A 142 -16.02 -1.37 -10.54
CA ASP A 142 -15.38 -1.72 -9.29
C ASP A 142 -15.76 -0.69 -8.22
N ALA A 143 -16.66 -1.07 -7.32
CA ALA A 143 -17.12 -0.17 -6.26
C ALA A 143 -16.09 0.06 -5.16
N LYS A 144 -14.90 -0.50 -5.31
CA LYS A 144 -13.83 -0.32 -4.33
C LYS A 144 -12.58 0.31 -4.94
N ASN A 145 -12.72 0.82 -6.16
CA ASN A 145 -11.60 1.45 -6.85
C ASN A 145 -11.11 2.64 -6.05
N TYR A 146 -9.98 2.45 -5.39
CA TYR A 146 -9.39 3.49 -4.57
C TYR A 146 -9.35 4.78 -5.35
N HIS A 147 -8.74 4.74 -6.52
CA HIS A 147 -8.59 5.91 -7.38
C HIS A 147 -9.89 6.62 -7.65
N ALA A 148 -10.91 5.86 -8.00
CA ALA A 148 -12.22 6.42 -8.27
C ALA A 148 -12.77 7.10 -7.00
N TRP A 149 -12.44 6.57 -5.83
CA TRP A 149 -12.90 7.15 -4.57
C TRP A 149 -12.19 8.43 -4.19
N GLN A 150 -10.88 8.48 -4.41
CA GLN A 150 -10.07 9.64 -4.09
C GLN A 150 -10.55 10.83 -4.91
N HIS A 151 -10.77 10.57 -6.21
CA HIS A 151 -11.24 11.59 -7.13
C HIS A 151 -12.59 12.16 -6.74
N ARG A 152 -13.53 11.28 -6.42
CA ARG A 152 -14.85 11.74 -6.03
C ARG A 152 -14.72 12.68 -4.84
N GLN A 153 -13.93 12.28 -3.86
CA GLN A 153 -13.73 13.10 -2.67
C GLN A 153 -13.19 14.48 -3.01
N TRP A 154 -12.13 14.52 -3.80
CA TRP A 154 -11.54 15.80 -4.21
C TRP A 154 -12.58 16.68 -4.86
N VAL A 155 -13.29 16.11 -5.83
CA VAL A 155 -14.34 16.81 -6.57
C VAL A 155 -15.36 17.36 -5.57
N ILE A 156 -15.79 16.52 -4.65
CA ILE A 156 -16.78 16.92 -3.67
C ILE A 156 -16.30 18.02 -2.73
N GLN A 157 -15.02 18.02 -2.41
CA GLN A 157 -14.48 19.07 -1.55
C GLN A 157 -14.24 20.32 -2.36
N GLU A 158 -13.42 20.20 -3.39
CA GLU A 158 -13.12 21.33 -4.23
C GLU A 158 -14.38 22.07 -4.58
N PHE A 159 -15.29 21.37 -5.25
CA PHE A 159 -16.56 21.95 -5.71
C PHE A 159 -17.74 21.93 -4.73
N ARG A 160 -17.45 21.67 -3.45
CA ARG A 160 -18.46 21.66 -2.36
C ARG A 160 -19.77 20.96 -2.72
N LEU A 161 -19.68 19.87 -3.47
CA LEU A 161 -20.85 19.14 -3.90
C LEU A 161 -21.27 18.09 -2.88
N TRP A 162 -21.61 18.55 -1.68
CA TRP A 162 -22.01 17.66 -0.59
C TRP A 162 -23.49 17.26 -0.57
N ASP A 163 -24.32 18.04 -1.25
CA ASP A 163 -25.77 17.81 -1.28
C ASP A 163 -26.40 16.43 -1.44
N ASN A 164 -25.91 15.61 -2.37
CA ASN A 164 -26.53 14.31 -2.59
C ASN A 164 -25.65 13.08 -2.41
N GLU A 165 -24.45 13.25 -1.87
CA GLU A 165 -23.57 12.11 -1.71
C GLU A 165 -24.04 11.16 -0.62
N LEU A 166 -24.61 11.69 0.47
CA LEU A 166 -25.05 10.80 1.54
C LEU A 166 -26.14 9.83 1.07
N GLN A 167 -26.91 10.25 0.09
CA GLN A 167 -27.97 9.41 -0.48
C GLN A 167 -27.30 8.35 -1.37
N TYR A 168 -26.24 8.77 -2.05
CA TYR A 168 -25.44 7.90 -2.91
C TYR A 168 -24.88 6.78 -2.03
N VAL A 169 -24.31 7.15 -0.88
CA VAL A 169 -23.74 6.22 0.09
C VAL A 169 -24.79 5.17 0.48
N ASP A 170 -26.02 5.63 0.71
CA ASP A 170 -27.11 4.72 1.06
C ASP A 170 -27.34 3.77 -0.13
N GLN A 171 -27.36 4.32 -1.35
CA GLN A 171 -27.57 3.51 -2.55
C GLN A 171 -26.54 2.40 -2.63
N LEU A 172 -25.27 2.79 -2.54
CA LEU A 172 -24.17 1.84 -2.60
C LEU A 172 -24.18 0.84 -1.46
N LEU A 173 -24.61 1.26 -0.27
CA LEU A 173 -24.64 0.35 0.88
C LEU A 173 -25.72 -0.72 0.75
N LYS A 174 -26.81 -0.39 0.06
CA LYS A 174 -27.87 -1.36 -0.14
C LYS A 174 -27.35 -2.38 -1.14
N GLU A 175 -26.57 -1.88 -2.08
CA GLU A 175 -25.96 -2.72 -3.11
C GLU A 175 -24.95 -3.68 -2.51
N ASP A 176 -24.24 -3.22 -1.49
CA ASP A 176 -23.24 -4.05 -0.83
C ASP A 176 -22.89 -3.40 0.50
N VAL A 177 -23.61 -3.81 1.54
CA VAL A 177 -23.37 -3.26 2.86
C VAL A 177 -21.96 -3.59 3.36
N ARG A 178 -21.27 -4.49 2.67
CA ARG A 178 -19.92 -4.87 3.05
C ARG A 178 -18.86 -4.01 2.35
N ASN A 179 -19.31 -3.01 1.59
CA ASN A 179 -18.37 -2.15 0.90
C ASN A 179 -17.76 -1.11 1.86
N ASN A 180 -16.55 -1.40 2.31
CA ASN A 180 -15.80 -0.53 3.24
C ASN A 180 -15.56 0.84 2.64
N SER A 181 -15.28 0.87 1.35
CA SER A 181 -15.05 2.13 0.66
C SER A 181 -16.26 3.06 0.82
N VAL A 182 -17.45 2.48 0.92
CA VAL A 182 -18.66 3.27 1.10
C VAL A 182 -18.86 3.71 2.55
N TRP A 183 -18.49 2.86 3.50
CA TRP A 183 -18.64 3.23 4.91
C TRP A 183 -17.75 4.42 5.18
N ASN A 184 -16.55 4.41 4.57
CA ASN A 184 -15.57 5.50 4.70
C ASN A 184 -16.16 6.75 4.08
N GLN A 185 -16.80 6.61 2.94
CA GLN A 185 -17.43 7.75 2.29
C GLN A 185 -18.48 8.33 3.23
N ARG A 186 -19.27 7.48 3.87
CA ARG A 186 -20.30 7.95 4.79
C ARG A 186 -19.70 8.80 5.90
N HIS A 187 -18.59 8.33 6.47
CA HIS A 187 -17.92 9.05 7.53
C HIS A 187 -17.43 10.36 6.96
N PHE A 188 -16.82 10.29 5.79
CA PHE A 188 -16.29 11.44 5.07
C PHE A 188 -17.35 12.56 4.95
N VAL A 189 -18.51 12.19 4.40
CA VAL A 189 -19.61 13.15 4.22
C VAL A 189 -19.98 13.83 5.54
N ILE A 190 -20.37 13.01 6.52
CA ILE A 190 -20.80 13.51 7.80
C ILE A 190 -19.77 14.34 8.56
N SER A 191 -18.51 13.91 8.58
CA SER A 191 -17.53 14.71 9.29
C SER A 191 -17.27 16.02 8.55
N ASN A 192 -17.67 16.04 7.29
CA ASN A 192 -17.49 17.21 6.45
C ASN A 192 -18.77 18.02 6.32
N THR A 193 -19.84 17.59 6.98
CA THR A 193 -21.08 18.33 6.93
C THR A 193 -21.55 18.68 8.36
N THR A 194 -22.51 17.93 8.89
CA THR A 194 -23.05 18.18 10.22
C THR A 194 -22.04 17.99 11.34
N GLY A 195 -21.02 17.19 11.08
CA GLY A 195 -20.03 16.91 12.10
C GLY A 195 -20.67 15.84 12.95
N TYR A 196 -19.88 15.10 13.71
CA TYR A 196 -20.45 14.06 14.55
C TYR A 196 -20.77 14.51 15.97
N SER A 197 -20.34 15.72 16.32
CA SER A 197 -20.60 16.28 17.65
C SER A 197 -22.07 16.71 17.83
N ASP A 198 -22.77 16.82 16.71
CA ASP A 198 -24.19 17.15 16.69
C ASP A 198 -24.84 15.89 17.22
N ARG A 199 -25.09 15.86 18.53
CA ARG A 199 -25.68 14.68 19.17
C ARG A 199 -26.84 14.02 18.44
N ALA A 200 -27.66 14.82 17.75
CA ALA A 200 -28.78 14.29 16.99
C ALA A 200 -28.24 13.45 15.83
N VAL A 201 -27.09 13.86 15.29
CA VAL A 201 -26.41 13.17 14.20
C VAL A 201 -25.74 11.88 14.67
N LEU A 202 -25.10 11.94 15.84
CA LEU A 202 -24.42 10.77 16.41
C LEU A 202 -25.42 9.67 16.73
N GLU A 203 -26.60 10.06 17.22
CA GLU A 203 -27.66 9.10 17.55
C GLU A 203 -28.25 8.40 16.31
N ARG A 204 -28.45 9.17 15.24
CA ARG A 204 -29.00 8.67 13.96
C ARG A 204 -28.04 7.64 13.36
N GLU A 205 -26.75 7.94 13.47
CA GLU A 205 -25.71 7.06 12.97
C GLU A 205 -25.52 5.79 13.78
N VAL A 206 -25.34 5.94 15.09
CA VAL A 206 -25.17 4.77 15.96
C VAL A 206 -26.33 3.82 15.75
N GLN A 207 -27.54 4.38 15.69
CA GLN A 207 -28.75 3.60 15.49
C GLN A 207 -28.69 2.89 14.12
N TYR A 208 -28.32 3.64 13.08
CA TYR A 208 -28.21 3.11 11.73
C TYR A 208 -27.25 1.93 11.69
N THR A 209 -26.07 2.15 12.27
CA THR A 209 -25.03 1.13 12.32
C THR A 209 -25.49 -0.10 13.09
N LEU A 210 -26.25 0.12 14.16
CA LEU A 210 -26.75 -1.00 14.94
C LEU A 210 -27.71 -1.87 14.14
N GLU A 211 -28.59 -1.25 13.34
CA GLU A 211 -29.53 -2.01 12.50
C GLU A 211 -28.75 -2.81 11.46
N MET A 212 -27.70 -2.18 10.94
CA MET A 212 -26.83 -2.79 9.95
C MET A 212 -26.14 -4.04 10.54
N ILE A 213 -25.61 -3.93 11.76
CA ILE A 213 -24.96 -5.07 12.42
C ILE A 213 -25.97 -6.19 12.58
N LYS A 214 -27.20 -5.82 12.95
CA LYS A 214 -28.27 -6.78 13.17
C LYS A 214 -28.51 -7.65 11.96
N LEU A 215 -28.46 -7.03 10.78
CA LEU A 215 -28.66 -7.75 9.53
C LEU A 215 -27.47 -8.60 9.16
N VAL A 216 -26.26 -8.05 9.23
CA VAL A 216 -25.08 -8.83 8.86
C VAL A 216 -24.10 -8.88 10.03
N PRO A 217 -24.45 -9.60 11.10
CA PRO A 217 -23.68 -9.79 12.34
C PRO A 217 -22.18 -10.06 12.20
N HIS A 218 -21.73 -10.42 11.01
CA HIS A 218 -20.31 -10.69 10.81
C HIS A 218 -19.65 -9.71 9.82
N ASN A 219 -20.36 -8.64 9.50
CA ASN A 219 -19.80 -7.63 8.61
C ASN A 219 -18.94 -6.72 9.48
N GLU A 220 -17.64 -6.76 9.23
CA GLU A 220 -16.69 -5.95 10.01
C GLU A 220 -16.80 -4.46 9.73
N SER A 221 -17.16 -4.07 8.52
CA SER A 221 -17.25 -2.66 8.19
C SER A 221 -18.12 -1.89 9.16
N ALA A 222 -19.35 -2.37 9.32
CA ALA A 222 -20.30 -1.74 10.22
C ALA A 222 -19.66 -1.56 11.58
N TRP A 223 -19.12 -2.64 12.13
CA TRP A 223 -18.48 -2.61 13.45
C TRP A 223 -17.38 -1.54 13.53
N ASN A 224 -16.54 -1.49 12.51
CA ASN A 224 -15.44 -0.53 12.47
C ASN A 224 -15.95 0.92 12.50
N TYR A 225 -17.00 1.18 11.74
CA TYR A 225 -17.58 2.51 11.68
C TYR A 225 -18.10 2.92 13.05
N LEU A 226 -18.82 2.00 13.69
CA LEU A 226 -19.38 2.25 15.01
C LEU A 226 -18.26 2.62 15.97
N LYS A 227 -17.24 1.77 16.03
CA LYS A 227 -16.09 2.01 16.87
C LYS A 227 -15.48 3.35 16.52
N GLY A 228 -15.35 3.61 15.23
CA GLY A 228 -14.76 4.86 14.81
C GLY A 228 -15.47 6.10 15.34
N ILE A 229 -16.79 6.16 15.11
CA ILE A 229 -17.57 7.32 15.52
C ILE A 229 -17.79 7.49 17.03
N LEU A 230 -17.26 6.59 17.84
CA LEU A 230 -17.46 6.70 19.29
C LEU A 230 -16.20 6.50 20.15
N GLN A 231 -15.17 5.88 19.57
CA GLN A 231 -13.89 5.56 20.24
C GLN A 231 -13.21 6.72 20.99
N ASP A 232 -13.07 7.85 20.33
CA ASP A 232 -12.43 9.01 20.94
C ASP A 232 -13.36 9.60 21.98
N ARG A 233 -14.65 9.32 21.83
CA ARG A 233 -15.64 9.83 22.75
C ARG A 233 -15.71 9.04 24.07
N GLY A 234 -15.15 7.84 24.07
CA GLY A 234 -15.17 7.00 25.26
C GLY A 234 -16.34 6.03 25.25
N LEU A 235 -16.10 4.82 24.75
CA LEU A 235 -17.14 3.81 24.65
C LEU A 235 -18.03 3.58 25.87
N SER A 236 -17.41 3.49 27.05
CA SER A 236 -18.13 3.24 28.30
C SER A 236 -19.14 4.32 28.68
N ARG A 237 -19.03 5.49 28.07
CA ARG A 237 -19.93 6.59 28.36
C ARG A 237 -21.36 6.33 27.84
N TYR A 238 -21.54 5.28 27.06
CA TYR A 238 -22.86 4.98 26.51
C TYR A 238 -23.40 3.66 27.06
N PRO A 239 -24.00 3.70 28.26
CA PRO A 239 -24.57 2.53 28.95
C PRO A 239 -25.66 1.79 28.17
N ASN A 240 -26.44 2.51 27.39
CA ASN A 240 -27.48 1.89 26.60
C ASN A 240 -26.90 1.02 25.52
N LEU A 241 -25.76 1.47 24.99
CA LEU A 241 -25.06 0.74 23.94
C LEU A 241 -24.69 -0.65 24.47
N LEU A 242 -23.93 -0.66 25.55
CA LEU A 242 -23.51 -1.91 26.18
C LEU A 242 -24.67 -2.89 26.37
N ASN A 243 -25.82 -2.38 26.81
CA ASN A 243 -26.99 -3.23 27.03
C ASN A 243 -27.56 -3.80 25.75
N GLN A 244 -27.57 -3.01 24.69
CA GLN A 244 -28.07 -3.50 23.41
C GLN A 244 -27.09 -4.49 22.80
N LEU A 245 -25.80 -4.23 22.99
CA LEU A 245 -24.76 -5.12 22.45
C LEU A 245 -24.87 -6.50 23.09
N LEU A 246 -24.97 -6.53 24.41
CA LEU A 246 -25.10 -7.80 25.14
C LEU A 246 -26.36 -8.52 24.67
N ASP A 247 -27.35 -7.77 24.20
CA ASP A 247 -28.62 -8.34 23.70
C ASP A 247 -28.42 -9.08 22.38
N LEU A 248 -27.38 -8.71 21.65
CA LEU A 248 -27.07 -9.36 20.39
C LEU A 248 -26.42 -10.71 20.66
N GLN A 249 -25.66 -10.77 21.76
CA GLN A 249 -24.94 -11.97 22.17
C GLN A 249 -25.61 -13.30 21.81
N PRO A 250 -26.93 -13.43 22.03
CA PRO A 250 -27.54 -14.70 21.67
C PRO A 250 -27.48 -14.98 20.16
N SER A 251 -28.52 -14.57 19.45
CA SER A 251 -28.63 -14.80 18.01
C SER A 251 -27.79 -13.88 17.12
N HIS A 252 -26.87 -13.11 17.69
CA HIS A 252 -26.08 -12.20 16.87
C HIS A 252 -24.62 -11.99 17.28
N SER A 253 -24.00 -13.00 17.88
CA SER A 253 -22.61 -12.83 18.30
C SER A 253 -21.57 -12.87 17.16
N SER A 254 -20.33 -12.62 17.54
CA SER A 254 -19.20 -12.60 16.63
C SER A 254 -17.98 -12.15 17.44
N PRO A 255 -16.76 -12.32 16.87
CA PRO A 255 -15.54 -11.90 17.56
C PRO A 255 -15.43 -10.38 17.60
N TYR A 256 -16.11 -9.72 16.66
CA TYR A 256 -16.13 -8.27 16.58
C TYR A 256 -16.93 -7.79 17.78
N LEU A 257 -18.10 -8.40 17.95
CA LEU A 257 -18.99 -8.06 19.04
C LEU A 257 -18.22 -8.17 20.35
N ILE A 258 -17.61 -9.33 20.57
CA ILE A 258 -16.85 -9.56 21.79
C ILE A 258 -15.72 -8.55 21.88
N ALA A 259 -15.06 -8.29 20.76
CA ALA A 259 -13.95 -7.35 20.72
C ALA A 259 -14.37 -5.98 21.23
N PHE A 260 -15.53 -5.53 20.76
CA PHE A 260 -16.10 -4.23 21.12
C PHE A 260 -16.34 -4.12 22.63
N LEU A 261 -16.86 -5.20 23.22
CA LEU A 261 -17.12 -5.20 24.65
C LEU A 261 -15.81 -5.03 25.37
N VAL A 262 -14.77 -5.71 24.88
CA VAL A 262 -13.46 -5.62 25.47
C VAL A 262 -13.09 -4.14 25.60
N ASP A 263 -13.21 -3.40 24.49
CA ASP A 263 -12.89 -1.98 24.46
C ASP A 263 -13.72 -1.22 25.49
N ILE A 264 -15.01 -1.53 25.52
CA ILE A 264 -15.94 -0.90 26.45
C ILE A 264 -15.42 -1.10 27.87
N TYR A 265 -15.06 -2.33 28.21
CA TYR A 265 -14.56 -2.61 29.53
C TYR A 265 -13.23 -1.90 29.77
N GLU A 266 -12.43 -1.86 28.72
CA GLU A 266 -11.13 -1.20 28.76
C GLU A 266 -11.29 0.26 29.12
N ASP A 267 -12.27 0.89 28.49
CA ASP A 267 -12.57 2.30 28.73
C ASP A 267 -13.05 2.51 30.17
N MET A 268 -13.88 1.58 30.66
CA MET A 268 -14.39 1.66 32.04
C MET A 268 -13.23 1.68 33.04
N LEU A 269 -12.26 0.79 32.84
CA LEU A 269 -11.10 0.71 33.73
C LEU A 269 -10.27 1.98 33.74
N GLU A 270 -10.20 2.63 32.57
CA GLU A 270 -9.44 3.87 32.44
C GLU A 270 -10.18 4.99 33.18
N ASN A 271 -11.49 5.01 33.02
CA ASN A 271 -12.36 5.99 33.67
C ASN A 271 -12.52 5.73 35.17
N GLN A 272 -11.71 4.82 35.71
CA GLN A 272 -11.75 4.45 37.13
C GLN A 272 -13.18 4.05 37.56
N CYS A 273 -13.74 3.05 36.90
CA CYS A 273 -15.11 2.61 37.20
C CYS A 273 -15.25 1.79 38.50
N ASP A 274 -16.49 1.57 38.93
CA ASP A 274 -16.75 0.83 40.15
C ASP A 274 -16.81 -0.68 39.89
N ASN A 275 -16.28 -1.45 40.87
CA ASN A 275 -16.18 -2.92 40.80
C ASN A 275 -15.02 -3.23 39.85
N LYS A 276 -13.96 -2.42 39.97
CA LYS A 276 -12.76 -2.53 39.13
C LYS A 276 -12.36 -3.97 38.85
N GLU A 277 -12.32 -4.79 39.89
CA GLU A 277 -11.97 -6.20 39.75
C GLU A 277 -12.99 -6.96 38.89
N ASP A 278 -14.27 -6.81 39.20
CA ASP A 278 -15.34 -7.49 38.44
C ASP A 278 -15.17 -7.26 36.93
N ILE A 279 -14.93 -6.01 36.57
CA ILE A 279 -14.77 -5.64 35.18
C ILE A 279 -13.48 -6.23 34.59
N LEU A 280 -12.35 -6.04 35.29
CA LEU A 280 -11.07 -6.55 34.82
C LEU A 280 -11.21 -8.01 34.45
N ASN A 281 -11.89 -8.76 35.29
CA ASN A 281 -12.10 -10.18 35.04
C ASN A 281 -13.03 -10.40 33.85
N LYS A 282 -14.04 -9.57 33.68
CA LYS A 282 -14.96 -9.68 32.53
C LYS A 282 -14.15 -9.49 31.25
N ALA A 283 -13.19 -8.58 31.33
CA ALA A 283 -12.33 -8.27 30.19
C ALA A 283 -11.33 -9.40 29.91
N LEU A 284 -10.49 -9.71 30.90
CA LEU A 284 -9.48 -10.76 30.75
C LEU A 284 -10.09 -12.07 30.27
N GLU A 285 -11.32 -12.32 30.69
CA GLU A 285 -12.07 -13.53 30.30
C GLU A 285 -12.18 -13.52 28.78
N LEU A 286 -12.85 -12.49 28.26
CA LEU A 286 -13.04 -12.37 26.83
C LEU A 286 -11.72 -12.38 26.06
N CYS A 287 -10.73 -11.65 26.54
CA CYS A 287 -9.42 -11.61 25.87
C CYS A 287 -8.95 -13.03 25.63
N GLU A 288 -9.13 -13.90 26.62
CA GLU A 288 -8.72 -15.29 26.47
C GLU A 288 -9.68 -16.07 25.58
N ILE A 289 -10.95 -15.69 25.59
CA ILE A 289 -11.93 -16.37 24.76
C ILE A 289 -11.59 -16.06 23.28
N LEU A 290 -11.04 -14.88 23.05
CA LEU A 290 -10.64 -14.46 21.73
C LEU A 290 -9.30 -15.11 21.43
N ALA A 291 -8.31 -14.82 22.28
CA ALA A 291 -6.98 -15.36 22.12
C ALA A 291 -7.00 -16.85 21.80
N LYS A 292 -7.73 -17.63 22.60
CA LYS A 292 -7.79 -19.08 22.40
C LYS A 292 -8.91 -19.65 21.55
N GLU A 293 -9.96 -18.88 21.28
CA GLU A 293 -11.08 -19.43 20.54
C GLU A 293 -11.67 -18.63 19.38
N LYS A 294 -12.32 -17.52 19.73
CA LYS A 294 -13.00 -16.68 18.75
C LYS A 294 -12.19 -15.79 17.83
N ASP A 295 -10.92 -15.59 18.12
CA ASP A 295 -10.11 -14.72 17.29
C ASP A 295 -8.65 -15.13 17.40
N THR A 296 -8.43 -16.43 17.30
CA THR A 296 -7.12 -17.05 17.40
C THR A 296 -6.06 -16.44 16.50
N ILE A 297 -6.47 -16.02 15.30
CA ILE A 297 -5.54 -15.40 14.38
C ILE A 297 -4.80 -14.24 15.07
N ARG A 298 -5.53 -13.51 15.91
CA ARG A 298 -4.99 -12.37 16.64
C ARG A 298 -4.62 -12.74 18.07
N LYS A 299 -4.35 -14.01 18.30
CA LYS A 299 -4.01 -14.46 19.63
C LYS A 299 -2.91 -13.59 20.24
N GLU A 300 -1.93 -13.24 19.42
CA GLU A 300 -0.81 -12.42 19.87
C GLU A 300 -1.25 -11.07 20.35
N TYR A 301 -2.27 -10.53 19.67
CA TYR A 301 -2.86 -9.24 19.99
C TYR A 301 -3.57 -9.34 21.34
N TRP A 302 -4.56 -10.23 21.39
CA TRP A 302 -5.37 -10.45 22.57
C TRP A 302 -4.61 -10.72 23.87
N ARG A 303 -3.47 -11.39 23.78
CA ARG A 303 -2.65 -11.68 24.96
C ARG A 303 -2.00 -10.42 25.50
N TYR A 304 -1.64 -9.53 24.59
CA TYR A 304 -1.01 -8.25 24.93
C TYR A 304 -2.05 -7.34 25.59
N ILE A 305 -3.26 -7.35 25.03
CA ILE A 305 -4.35 -6.54 25.57
C ILE A 305 -4.55 -6.99 27.02
N GLY A 306 -4.90 -8.26 27.19
CA GLY A 306 -5.11 -8.80 28.52
C GLY A 306 -3.94 -8.44 29.41
N ARG A 307 -2.74 -8.65 28.89
CA ARG A 307 -1.52 -8.36 29.59
C ARG A 307 -1.51 -6.89 30.05
N SER A 308 -2.03 -6.00 29.20
CA SER A 308 -2.11 -4.58 29.50
C SER A 308 -3.14 -4.26 30.58
N LEU A 309 -4.37 -4.74 30.39
CA LEU A 309 -5.44 -4.50 31.35
C LEU A 309 -4.95 -4.84 32.75
N GLN A 310 -4.20 -5.94 32.84
CA GLN A 310 -3.64 -6.39 34.11
C GLN A 310 -2.61 -5.34 34.54
N SER A 311 -1.60 -5.12 33.69
CA SER A 311 -0.49 -4.19 33.97
C SER A 311 -0.82 -2.84 34.60
N LYS A 312 -2.07 -2.38 34.44
CA LYS A 312 -2.47 -1.09 35.00
C LYS A 312 -3.83 -1.05 35.71
N HIS A 313 -4.37 -2.21 36.10
CA HIS A 313 -5.66 -2.25 36.80
C HIS A 313 -5.77 -3.38 37.80
N SER A 314 -4.64 -3.98 38.16
CA SER A 314 -4.62 -5.08 39.11
C SER A 314 -3.96 -4.67 40.39
N ARG A 315 -4.13 -5.52 41.42
CA ARG A 315 -3.57 -5.33 42.77
C ARG A 315 -3.81 -3.93 43.34
N PRO B 1 0.22 -29.57 14.57
CA PRO B 1 0.48 -29.63 13.11
C PRO B 1 0.62 -28.18 12.61
N LEU B 2 0.13 -27.91 11.40
CA LEU B 2 0.17 -26.57 10.82
C LEU B 2 -1.18 -25.92 11.07
N TYR B 3 -1.13 -24.63 11.39
CA TYR B 3 -2.31 -23.83 11.70
C TYR B 3 -3.42 -23.96 10.68
N SER B 4 -3.06 -23.85 9.41
CA SER B 4 -4.03 -23.94 8.35
C SER B 4 -4.56 -25.35 8.12
N LEU B 5 -3.93 -26.33 8.75
CA LEU B 5 -4.34 -27.72 8.58
C LEU B 5 -5.15 -28.33 9.73
N ARG B 6 -4.99 -27.77 10.93
CA ARG B 6 -5.71 -28.25 12.10
C ARG B 6 -7.21 -28.31 11.87
N PRO B 7 -7.87 -29.35 12.42
CA PRO B 7 -9.32 -29.60 12.32
C PRO B 7 -10.25 -28.39 12.48
N GLU B 8 -10.04 -27.65 13.56
CA GLU B 8 -10.84 -26.46 13.89
C GLU B 8 -10.73 -25.29 12.89
N HIS B 9 -9.71 -25.31 12.03
CA HIS B 9 -9.50 -24.22 11.07
C HIS B 9 -10.67 -24.07 10.10
N ALA B 10 -11.48 -25.12 9.96
CA ALA B 10 -12.63 -25.07 9.06
C ALA B 10 -13.69 -24.14 9.63
N ARG B 11 -13.49 -23.74 10.87
CA ARG B 11 -14.40 -22.86 11.53
C ARG B 11 -14.09 -21.42 11.13
N GLU B 12 -12.84 -21.14 10.78
CA GLU B 12 -12.43 -19.79 10.39
C GLU B 12 -12.93 -19.33 9.03
N ARG B 13 -13.76 -20.15 8.40
CA ARG B 13 -14.31 -19.80 7.10
C ARG B 13 -15.32 -18.66 7.24
N LEU B 14 -15.60 -17.99 6.12
CA LEU B 14 -16.53 -16.88 6.09
C LEU B 14 -17.97 -17.26 6.38
N GLN B 15 -18.59 -16.52 7.28
CA GLN B 15 -19.99 -16.69 7.62
C GLN B 15 -20.68 -15.51 6.98
N ASP B 16 -21.32 -15.70 5.82
CA ASP B 16 -21.97 -14.55 5.18
C ASP B 16 -23.34 -14.17 5.73
N ASP B 17 -23.68 -14.72 6.89
CA ASP B 17 -24.97 -14.45 7.56
C ASP B 17 -26.14 -14.66 6.64
N SER B 18 -25.94 -15.48 5.61
CA SER B 18 -26.97 -15.78 4.62
C SER B 18 -27.30 -14.57 3.71
N VAL B 19 -26.53 -13.48 3.87
CA VAL B 19 -26.71 -12.29 3.07
C VAL B 19 -25.51 -12.14 2.13
N GLU B 20 -25.72 -12.61 0.91
CA GLU B 20 -24.69 -12.57 -0.09
C GLU B 20 -24.60 -11.15 -0.64
N THR B 21 -23.37 -10.72 -0.95
CA THR B 21 -23.06 -9.41 -1.52
C THR B 21 -21.77 -9.65 -2.30
N VAL B 22 -21.47 -8.81 -3.30
CA VAL B 22 -20.26 -8.99 -4.10
C VAL B 22 -19.03 -9.32 -3.26
N THR B 23 -18.96 -8.75 -2.06
CA THR B 23 -17.86 -8.98 -1.14
C THR B 23 -17.85 -10.42 -0.63
N SER B 24 -18.95 -10.85 0.00
CA SER B 24 -19.00 -12.21 0.54
C SER B 24 -18.69 -13.27 -0.53
N ILE B 25 -19.24 -13.05 -1.72
CA ILE B 25 -19.06 -13.93 -2.87
C ILE B 25 -17.57 -14.13 -3.20
N GLU B 26 -16.90 -13.07 -3.66
CA GLU B 26 -15.49 -13.18 -4.03
C GLU B 26 -14.61 -13.74 -2.89
N GLN B 27 -14.93 -13.39 -1.64
CA GLN B 27 -14.16 -13.88 -0.51
C GLN B 27 -14.29 -15.39 -0.37
N ALA B 28 -15.52 -15.86 -0.42
CA ALA B 28 -15.75 -17.27 -0.32
C ALA B 28 -14.95 -18.01 -1.40
N LYS B 29 -15.01 -17.51 -2.63
CA LYS B 29 -14.30 -18.11 -3.76
C LYS B 29 -12.84 -18.39 -3.45
N VAL B 30 -12.14 -17.34 -3.03
CA VAL B 30 -10.73 -17.44 -2.68
C VAL B 30 -10.55 -18.47 -1.58
N GLU B 31 -11.46 -18.44 -0.61
CA GLU B 31 -11.42 -19.37 0.50
C GLU B 31 -11.49 -20.81 0.02
N GLU B 32 -12.46 -21.09 -0.84
CA GLU B 32 -12.64 -22.43 -1.40
C GLU B 32 -11.37 -22.88 -2.12
N LYS B 33 -10.83 -22.01 -2.98
CA LYS B 33 -9.61 -22.30 -3.74
C LYS B 33 -8.41 -22.55 -2.81
N ILE B 34 -8.28 -21.72 -1.78
CA ILE B 34 -7.19 -21.86 -0.84
C ILE B 34 -7.39 -23.14 -0.04
N GLN B 35 -8.65 -23.42 0.29
CA GLN B 35 -8.97 -24.62 1.05
C GLN B 35 -8.44 -25.78 0.25
N GLU B 36 -8.67 -25.74 -1.06
CA GLU B 36 -8.18 -26.77 -1.96
C GLU B 36 -6.68 -26.94 -1.71
N VAL B 37 -5.96 -25.82 -1.76
CA VAL B 37 -4.51 -25.83 -1.53
C VAL B 37 -4.22 -26.43 -0.15
N PHE B 38 -5.02 -26.04 0.83
CA PHE B 38 -4.86 -26.53 2.19
C PHE B 38 -5.00 -28.05 2.30
N SER B 39 -6.04 -28.58 1.67
CA SER B 39 -6.30 -30.01 1.68
C SER B 39 -5.11 -30.81 1.17
N SER B 40 -4.45 -30.28 0.13
CA SER B 40 -3.28 -30.90 -0.49
C SER B 40 -2.16 -31.26 0.46
N TYR B 41 -1.85 -30.37 1.39
CA TYR B 41 -0.78 -30.60 2.35
C TYR B 41 -1.22 -31.37 3.60
N LYS B 42 -2.52 -31.39 3.87
CA LYS B 42 -3.08 -32.10 5.03
C LYS B 42 -3.07 -33.57 4.66
N PHE B 43 -3.48 -33.80 3.41
CA PHE B 43 -3.56 -35.09 2.78
C PHE B 43 -2.18 -35.79 2.76
N ASN B 44 -1.25 -35.24 1.99
CA ASN B 44 0.07 -35.84 1.84
C ASN B 44 1.26 -35.17 2.52
N HIS B 45 2.06 -36.01 3.17
CA HIS B 45 3.28 -35.58 3.85
C HIS B 45 3.97 -36.79 4.47
N LEU B 46 5.22 -36.98 4.10
CA LEU B 46 6.05 -38.07 4.61
C LEU B 46 7.46 -37.49 4.71
N VAL B 47 7.67 -36.40 3.97
CA VAL B 47 8.91 -35.63 3.99
C VAL B 47 8.36 -34.21 4.15
N PRO B 48 9.20 -33.29 4.65
CA PRO B 48 8.78 -31.90 4.84
C PRO B 48 8.33 -31.28 3.52
N ARG B 49 7.16 -30.67 3.53
CA ARG B 49 6.62 -30.04 2.32
C ARG B 49 6.69 -28.50 2.27
N LEU B 50 6.73 -27.86 3.44
CA LEU B 50 6.79 -26.40 3.45
C LEU B 50 8.19 -25.95 3.15
N VAL B 51 8.47 -25.79 1.86
CA VAL B 51 9.79 -25.38 1.38
C VAL B 51 9.79 -24.18 0.43
N LEU B 52 10.67 -23.23 0.71
CA LEU B 52 10.81 -22.05 -0.12
C LEU B 52 11.66 -22.46 -1.30
N GLN B 53 11.05 -22.52 -2.49
CA GLN B 53 11.71 -22.87 -3.75
C GLN B 53 12.84 -21.91 -4.15
N ARG B 54 13.82 -21.75 -3.26
CA ARG B 54 14.95 -20.85 -3.49
C ARG B 54 15.50 -20.98 -4.89
N GLU B 55 15.81 -22.22 -5.26
CA GLU B 55 16.37 -22.51 -6.56
C GLU B 55 15.64 -21.83 -7.71
N LYS B 56 14.35 -22.14 -7.86
CA LYS B 56 13.55 -21.54 -8.94
C LYS B 56 13.52 -20.04 -8.83
N HIS B 57 13.36 -19.56 -7.61
CA HIS B 57 13.30 -18.12 -7.40
C HIS B 57 14.56 -17.44 -7.92
N PHE B 58 15.72 -17.98 -7.56
CA PHE B 58 17.00 -17.41 -7.96
C PHE B 58 17.18 -17.29 -9.45
N HIS B 59 16.61 -18.23 -10.21
CA HIS B 59 16.72 -18.21 -11.67
C HIS B 59 15.91 -17.05 -12.16
N TYR B 60 14.66 -16.99 -11.71
CA TYR B 60 13.76 -15.92 -12.11
C TYR B 60 14.41 -14.56 -11.90
N LEU B 61 14.92 -14.34 -10.69
CA LEU B 61 15.57 -13.09 -10.38
C LEU B 61 16.81 -12.85 -11.23
N LYS B 62 17.74 -13.79 -11.21
CA LYS B 62 18.99 -13.68 -11.98
C LYS B 62 18.75 -13.31 -13.44
N ARG B 63 17.67 -13.81 -14.02
CA ARG B 63 17.36 -13.52 -15.39
C ARG B 63 16.81 -12.10 -15.51
N GLY B 64 15.75 -11.82 -14.75
CA GLY B 64 15.11 -10.52 -14.80
C GLY B 64 16.06 -9.36 -14.65
N LEU B 65 16.99 -9.51 -13.70
CA LEU B 65 17.98 -8.52 -13.41
C LEU B 65 18.75 -8.08 -14.64
N ARG B 66 18.70 -8.90 -15.68
CA ARG B 66 19.42 -8.59 -16.90
C ARG B 66 18.49 -8.21 -18.05
N GLN B 67 17.53 -9.08 -18.32
CA GLN B 67 16.61 -8.88 -19.42
C GLN B 67 15.18 -9.15 -18.99
N LEU B 68 14.24 -8.51 -19.67
CA LEU B 68 12.82 -8.69 -19.45
C LEU B 68 12.15 -8.84 -20.81
N THR B 69 10.94 -9.39 -20.79
CA THR B 69 10.16 -9.56 -22.03
C THR B 69 9.32 -8.29 -22.23
N ASP B 70 8.62 -8.17 -23.36
CA ASP B 70 7.79 -6.99 -23.56
C ASP B 70 6.52 -6.93 -22.70
N ALA B 71 6.33 -7.94 -21.85
CA ALA B 71 5.18 -7.94 -20.94
C ALA B 71 5.46 -6.80 -19.96
N TYR B 72 6.75 -6.61 -19.70
CA TYR B 72 7.23 -5.58 -18.81
C TYR B 72 7.25 -4.18 -19.43
N GLU B 73 6.77 -4.05 -20.67
CA GLU B 73 6.71 -2.74 -21.32
C GLU B 73 5.94 -1.75 -20.44
N CYS B 74 4.89 -2.24 -19.78
CA CYS B 74 4.07 -1.41 -18.91
C CYS B 74 4.90 -0.78 -17.79
N LEU B 75 6.07 -1.32 -17.50
CA LEU B 75 6.89 -0.77 -16.42
C LEU B 75 8.11 -0.01 -16.91
N ASP B 76 8.12 0.37 -18.19
CA ASP B 76 9.24 1.11 -18.77
C ASP B 76 9.60 2.33 -17.94
N ALA B 77 8.63 2.87 -17.22
CA ALA B 77 8.86 4.03 -16.38
C ALA B 77 8.89 3.64 -14.90
N SER B 78 9.39 2.45 -14.63
CA SER B 78 9.50 1.92 -13.27
C SER B 78 10.71 0.99 -13.23
N ARG B 79 11.71 1.28 -14.06
CA ARG B 79 12.90 0.44 -14.13
C ARG B 79 13.79 0.42 -12.89
N PRO B 80 13.89 1.54 -12.15
CA PRO B 80 14.73 1.48 -10.96
C PRO B 80 14.03 0.56 -9.97
N TRP B 81 12.70 0.59 -10.03
CA TRP B 81 11.85 -0.24 -9.18
C TRP B 81 12.25 -1.70 -9.35
N LEU B 82 12.47 -2.12 -10.60
CA LEU B 82 12.90 -3.48 -10.91
C LEU B 82 14.31 -3.80 -10.39
N CYS B 83 15.21 -2.82 -10.42
CA CYS B 83 16.54 -3.06 -9.88
C CYS B 83 16.33 -3.40 -8.41
N TYR B 84 15.54 -2.56 -7.73
CA TYR B 84 15.25 -2.75 -6.32
C TYR B 84 14.61 -4.08 -6.01
N TRP B 85 13.39 -4.28 -6.50
CA TRP B 85 12.66 -5.50 -6.24
C TRP B 85 13.58 -6.71 -6.29
N ILE B 86 14.26 -6.86 -7.43
CA ILE B 86 15.16 -7.96 -7.68
C ILE B 86 16.31 -8.05 -6.69
N LEU B 87 17.11 -6.98 -6.62
CA LEU B 87 18.25 -6.92 -5.72
C LEU B 87 17.87 -7.20 -4.27
N HIS B 88 16.71 -6.69 -3.85
CA HIS B 88 16.25 -6.93 -2.49
C HIS B 88 15.92 -8.40 -2.40
N SER B 89 15.19 -8.90 -3.40
CA SER B 89 14.79 -10.30 -3.43
C SER B 89 15.99 -11.24 -3.28
N LEU B 90 17.06 -10.96 -4.03
CA LEU B 90 18.27 -11.78 -3.96
C LEU B 90 18.91 -11.67 -2.58
N GLU B 91 19.01 -10.44 -2.08
CA GLU B 91 19.58 -10.16 -0.76
C GLU B 91 18.92 -11.04 0.30
N LEU B 92 17.58 -11.05 0.36
CA LEU B 92 16.81 -11.85 1.31
C LEU B 92 17.09 -13.32 1.10
N LEU B 93 17.25 -13.71 -0.16
CA LEU B 93 17.57 -15.08 -0.52
C LEU B 93 19.03 -15.32 -0.26
N ASP B 94 19.67 -14.32 0.35
CA ASP B 94 21.07 -14.38 0.70
C ASP B 94 21.90 -14.75 -0.50
N GLU B 95 21.52 -14.22 -1.65
CA GLU B 95 22.26 -14.46 -2.86
C GLU B 95 23.12 -13.21 -2.98
N PRO B 96 24.44 -13.37 -3.13
CA PRO B 96 25.38 -12.25 -3.26
C PRO B 96 25.36 -11.68 -4.68
N ILE B 97 25.62 -10.38 -4.80
CA ILE B 97 25.60 -9.74 -6.11
C ILE B 97 27.00 -9.68 -6.73
N PRO B 98 27.18 -10.33 -7.89
CA PRO B 98 28.47 -10.36 -8.59
C PRO B 98 28.93 -8.94 -8.89
N GLN B 99 30.21 -8.68 -8.66
CA GLN B 99 30.78 -7.36 -8.89
C GLN B 99 30.40 -6.73 -10.25
N ILE B 100 30.27 -7.53 -11.30
CA ILE B 100 29.92 -6.97 -12.61
C ILE B 100 28.51 -6.37 -12.68
N VAL B 101 27.52 -7.15 -12.25
CA VAL B 101 26.14 -6.67 -12.27
C VAL B 101 26.06 -5.47 -11.34
N ALA B 102 26.80 -5.52 -10.24
CA ALA B 102 26.82 -4.42 -9.28
C ALA B 102 27.17 -3.11 -9.97
N THR B 103 28.25 -3.13 -10.75
CA THR B 103 28.72 -1.96 -11.50
C THR B 103 27.75 -1.53 -12.60
N ASP B 104 27.16 -2.50 -13.28
CA ASP B 104 26.20 -2.24 -14.34
C ASP B 104 24.94 -1.59 -13.76
N VAL B 105 24.52 -2.06 -12.58
CA VAL B 105 23.35 -1.52 -11.88
C VAL B 105 23.68 -0.05 -11.61
N CYS B 106 24.83 0.16 -10.98
CA CYS B 106 25.28 1.50 -10.67
C CYS B 106 25.12 2.36 -11.91
N GLN B 107 25.80 1.96 -12.99
CA GLN B 107 25.75 2.72 -14.23
C GLN B 107 24.37 2.98 -14.84
N PHE B 108 23.44 2.03 -14.70
CA PHE B 108 22.10 2.24 -15.24
C PHE B 108 21.34 3.29 -14.45
N LEU B 109 21.46 3.21 -13.13
CA LEU B 109 20.81 4.16 -12.23
C LEU B 109 21.40 5.56 -12.42
N GLU B 110 22.70 5.61 -12.71
CA GLU B 110 23.40 6.86 -12.96
C GLU B 110 22.66 7.51 -14.13
N LEU B 111 22.44 6.70 -15.15
CA LEU B 111 21.72 7.15 -16.33
C LEU B 111 20.28 7.53 -16.01
N CYS B 112 19.75 7.04 -14.89
CA CYS B 112 18.38 7.37 -14.50
C CYS B 112 18.33 8.54 -13.50
N GLN B 113 19.49 9.12 -13.18
CA GLN B 113 19.52 10.24 -12.24
C GLN B 113 19.40 11.53 -12.98
N SER B 114 18.37 12.30 -12.69
CA SER B 114 18.19 13.58 -13.34
C SER B 114 19.35 14.49 -13.01
N PRO B 115 19.65 15.43 -13.92
CA PRO B 115 20.75 16.37 -13.70
C PRO B 115 20.33 17.32 -12.59
N ASP B 116 19.01 17.49 -12.45
CA ASP B 116 18.40 18.37 -11.47
C ASP B 116 18.00 17.63 -10.19
N GLY B 117 18.63 16.47 -9.96
CA GLY B 117 18.33 15.69 -8.77
C GLY B 117 17.23 14.67 -8.88
N GLY B 118 17.43 13.56 -8.17
CA GLY B 118 16.46 12.48 -8.17
C GLY B 118 16.70 11.48 -9.27
N PHE B 119 15.75 10.56 -9.44
CA PHE B 119 15.83 9.53 -10.47
C PHE B 119 14.48 9.34 -11.13
N GLY B 120 14.53 9.04 -12.42
CA GLY B 120 13.32 8.86 -13.20
C GLY B 120 13.05 7.39 -13.48
N GLY B 121 11.91 7.09 -14.08
CA GLY B 121 11.56 5.72 -14.39
C GLY B 121 12.52 5.00 -15.31
N GLY B 122 13.47 5.75 -15.87
CA GLY B 122 14.46 5.19 -16.75
C GLY B 122 15.33 6.32 -17.22
N PRO B 123 16.30 6.05 -18.10
CA PRO B 123 17.20 7.09 -18.60
C PRO B 123 16.44 8.12 -19.44
N GLY B 124 16.65 9.39 -19.11
CA GLY B 124 15.98 10.46 -19.81
C GLY B 124 14.52 10.70 -19.45
N GLN B 125 14.07 10.21 -18.31
CA GLN B 125 12.68 10.42 -17.86
C GLN B 125 12.69 11.37 -16.68
N TYR B 126 11.63 12.18 -16.58
CA TYR B 126 11.52 13.16 -15.49
C TYR B 126 11.70 12.40 -14.16
N PRO B 127 12.38 13.01 -13.18
CA PRO B 127 12.60 12.38 -11.88
C PRO B 127 11.25 12.23 -11.20
N HIS B 128 11.15 11.23 -10.35
CA HIS B 128 9.91 10.96 -9.64
C HIS B 128 10.34 10.38 -8.32
N LEU B 129 9.72 10.82 -7.24
CA LEU B 129 10.10 10.30 -5.94
C LEU B 129 10.15 8.77 -5.94
N ALA B 130 9.13 8.12 -6.51
CA ALA B 130 9.07 6.65 -6.59
C ALA B 130 10.38 6.02 -7.10
N PRO B 131 10.71 6.18 -8.40
CA PRO B 131 11.96 5.57 -8.84
C PRO B 131 13.13 6.07 -8.03
N THR B 132 13.04 7.28 -7.51
CA THR B 132 14.13 7.83 -6.71
C THR B 132 14.32 6.98 -5.45
N TYR B 133 13.23 6.74 -4.74
CA TYR B 133 13.24 5.95 -3.53
C TYR B 133 13.91 4.67 -3.92
N ALA B 134 13.40 4.14 -5.02
CA ALA B 134 13.89 2.90 -5.54
C ALA B 134 15.38 2.91 -5.74
N ALA B 135 15.85 3.66 -6.72
CA ALA B 135 17.25 3.72 -7.05
C ALA B 135 18.16 3.88 -5.84
N VAL B 136 17.81 4.77 -4.93
CA VAL B 136 18.65 4.96 -3.74
C VAL B 136 18.65 3.64 -2.99
N ASN B 137 17.47 3.13 -2.69
CA ASN B 137 17.38 1.88 -1.98
C ASN B 137 18.23 0.79 -2.64
N ALA B 138 18.13 0.66 -3.95
CA ALA B 138 18.88 -0.34 -4.70
C ALA B 138 20.40 -0.10 -4.63
N LEU B 139 20.83 1.15 -4.69
CA LEU B 139 22.24 1.48 -4.63
C LEU B 139 22.85 1.08 -3.27
N CYS B 140 22.08 1.29 -2.20
CA CYS B 140 22.53 0.94 -0.86
C CYS B 140 22.64 -0.57 -0.65
N ILE B 141 21.80 -1.33 -1.36
CA ILE B 141 21.84 -2.78 -1.26
C ILE B 141 23.18 -3.26 -1.86
N ILE B 142 23.63 -2.64 -2.94
CA ILE B 142 24.90 -3.01 -3.53
C ILE B 142 25.92 -2.71 -2.46
N GLY B 143 25.68 -1.61 -1.75
CA GLY B 143 26.55 -1.21 -0.65
C GLY B 143 27.99 -0.89 -0.97
N THR B 144 28.31 -0.43 -2.17
CA THR B 144 29.69 -0.11 -2.53
C THR B 144 29.96 1.38 -2.54
N GLU B 145 31.23 1.77 -2.49
CA GLU B 145 31.55 3.19 -2.54
C GLU B 145 31.05 3.70 -3.89
N GLU B 146 31.20 2.84 -4.90
CA GLU B 146 30.79 3.14 -6.26
C GLU B 146 29.29 3.42 -6.24
N ALA B 147 28.56 2.53 -5.58
CA ALA B 147 27.11 2.64 -5.46
C ALA B 147 26.68 3.97 -4.82
N TYR B 148 27.29 4.29 -3.67
CA TYR B 148 26.97 5.52 -2.93
C TYR B 148 27.29 6.79 -3.73
N ASN B 149 28.49 6.82 -4.31
CA ASN B 149 28.94 7.97 -5.07
C ASN B 149 28.10 8.28 -6.32
N VAL B 150 27.12 7.44 -6.64
CA VAL B 150 26.26 7.70 -7.81
C VAL B 150 25.30 8.85 -7.50
N ILE B 151 24.85 8.89 -6.25
CA ILE B 151 23.91 9.87 -5.73
C ILE B 151 24.49 11.26 -5.59
N ASN B 152 24.00 12.19 -6.40
CA ASN B 152 24.42 13.60 -6.33
C ASN B 152 23.58 14.19 -5.19
N ARG B 153 24.13 14.14 -3.99
CA ARG B 153 23.46 14.61 -2.78
C ARG B 153 22.91 16.03 -2.84
N GLU B 154 23.75 16.93 -3.34
CA GLU B 154 23.42 18.34 -3.45
C GLU B 154 22.16 18.53 -4.27
N LYS B 155 22.13 17.86 -5.41
CA LYS B 155 20.97 17.93 -6.27
C LYS B 155 19.76 17.23 -5.64
N LEU B 156 20.01 16.12 -4.95
CA LEU B 156 18.93 15.37 -4.34
C LEU B 156 18.12 16.23 -3.38
N LEU B 157 18.83 17.03 -2.59
CA LEU B 157 18.14 17.89 -1.66
C LEU B 157 17.30 18.95 -2.36
N GLN B 158 17.86 19.56 -3.43
CA GLN B 158 17.13 20.59 -4.16
C GLN B 158 15.86 20.01 -4.76
N TYR B 159 15.98 18.81 -5.33
CA TYR B 159 14.83 18.13 -5.90
C TYR B 159 13.77 17.95 -4.81
N LEU B 160 14.16 17.44 -3.65
CA LEU B 160 13.21 17.23 -2.56
C LEU B 160 12.47 18.53 -2.27
N TYR B 161 13.23 19.62 -2.34
CA TYR B 161 12.70 20.95 -2.10
C TYR B 161 11.66 21.37 -3.12
N SER B 162 11.88 20.98 -4.36
CA SER B 162 10.96 21.33 -5.43
C SER B 162 9.60 20.67 -5.25
N LEU B 163 9.59 19.49 -4.67
CA LEU B 163 8.33 18.78 -4.47
C LEU B 163 7.71 19.15 -3.15
N LYS B 164 8.51 19.65 -2.23
CA LYS B 164 8.01 20.05 -0.91
C LYS B 164 6.89 21.08 -1.02
N GLN B 165 5.85 20.85 -0.23
CA GLN B 165 4.68 21.70 -0.20
C GLN B 165 4.58 22.44 1.13
N PRO B 166 3.76 23.51 1.21
CA PRO B 166 3.57 24.31 2.43
C PRO B 166 2.96 23.55 3.61
N ASP B 167 1.87 22.84 3.33
CA ASP B 167 1.15 22.08 4.33
C ASP B 167 1.89 20.87 4.89
N GLY B 168 3.08 20.58 4.36
CA GLY B 168 3.82 19.43 4.85
C GLY B 168 3.90 18.28 3.87
N SER B 169 3.17 18.37 2.78
CA SER B 169 3.22 17.29 1.82
C SER B 169 4.28 17.46 0.73
N PHE B 170 4.45 16.46 -0.14
CA PHE B 170 5.40 16.49 -1.25
C PHE B 170 4.73 15.95 -2.48
N LEU B 171 5.08 16.48 -3.65
CA LEU B 171 4.50 16.00 -4.89
C LEU B 171 5.30 14.77 -5.24
N MET B 172 4.67 13.89 -6.00
CA MET B 172 5.32 12.67 -6.42
C MET B 172 6.38 12.98 -7.45
N HIS B 173 6.13 14.04 -8.23
CA HIS B 173 7.01 14.55 -9.28
C HIS B 173 6.41 15.90 -9.63
N VAL B 174 7.18 16.76 -10.29
CA VAL B 174 6.68 18.08 -10.64
C VAL B 174 5.45 17.96 -11.52
N GLY B 175 4.42 18.72 -11.15
CA GLY B 175 3.17 18.71 -11.89
C GLY B 175 2.31 17.52 -11.53
N GLY B 176 2.71 16.80 -10.48
CA GLY B 176 1.97 15.64 -10.06
C GLY B 176 1.11 15.97 -8.87
N GLU B 177 0.84 14.96 -8.05
CA GLU B 177 0.03 15.14 -6.85
C GLU B 177 0.76 14.57 -5.65
N VAL B 178 0.11 14.62 -4.51
CA VAL B 178 0.73 14.11 -3.32
C VAL B 178 -0.14 13.00 -2.76
N ASP B 179 0.43 12.32 -1.77
CA ASP B 179 -0.15 11.22 -1.00
C ASP B 179 0.92 10.80 -0.03
N VAL B 180 0.59 9.98 0.93
CA VAL B 180 1.58 9.56 1.89
C VAL B 180 2.82 8.88 1.34
N ARG B 181 2.68 8.12 0.26
CA ARG B 181 3.82 7.37 -0.29
C ARG B 181 5.01 8.28 -0.64
N SER B 182 4.73 9.42 -1.29
CA SER B 182 5.78 10.38 -1.66
C SER B 182 6.55 10.85 -0.42
N ALA B 183 5.80 11.20 0.63
CA ALA B 183 6.38 11.63 1.89
C ALA B 183 7.37 10.56 2.37
N TYR B 184 6.92 9.31 2.27
CA TYR B 184 7.75 8.18 2.66
C TYR B 184 9.03 8.08 1.81
N CYS B 185 8.89 8.34 0.50
CA CYS B 185 10.01 8.31 -0.43
C CYS B 185 11.08 9.32 -0.04
N ALA B 186 10.64 10.54 0.27
CA ALA B 186 11.52 11.63 0.66
C ALA B 186 12.21 11.30 1.97
N ALA B 187 11.40 11.07 3.00
CA ALA B 187 11.89 10.72 4.33
C ALA B 187 13.01 9.72 4.20
N SER B 188 12.69 8.62 3.53
CA SER B 188 13.63 7.53 3.28
C SER B 188 14.96 8.01 2.70
N VAL B 189 14.88 8.53 1.49
CA VAL B 189 16.03 9.01 0.76
C VAL B 189 16.93 9.95 1.55
N ALA B 190 16.34 11.03 2.03
CA ALA B 190 17.08 12.04 2.75
C ALA B 190 17.86 11.56 3.97
N SER B 191 17.22 10.73 4.79
CA SER B 191 17.82 10.20 6.00
C SER B 191 19.04 9.32 5.69
N LEU B 192 18.91 8.47 4.68
CA LEU B 192 20.00 7.59 4.30
C LEU B 192 21.18 8.37 3.73
N THR B 193 20.92 9.30 2.84
CA THR B 193 22.00 10.08 2.26
C THR B 193 22.38 11.24 3.15
N ASN B 194 21.70 11.39 4.29
CA ASN B 194 22.00 12.47 5.23
C ASN B 194 21.96 13.84 4.55
N ILE B 195 20.75 14.26 4.20
CA ILE B 195 20.58 15.56 3.57
C ILE B 195 19.40 16.30 4.21
N ILE B 196 19.03 15.88 5.42
CA ILE B 196 17.89 16.50 6.12
C ILE B 196 18.26 17.84 6.74
N THR B 197 17.67 18.91 6.23
CA THR B 197 17.91 20.25 6.74
C THR B 197 16.79 20.61 7.72
N PRO B 198 17.02 21.63 8.57
CA PRO B 198 16.04 22.09 9.56
C PRO B 198 14.61 22.32 9.09
N ASP B 199 14.45 22.67 7.80
CA ASP B 199 13.12 22.96 7.29
C ASP B 199 12.59 22.02 6.22
N LEU B 200 13.39 21.05 5.79
CA LEU B 200 12.95 20.11 4.74
C LEU B 200 11.65 19.39 5.06
N PHE B 201 11.48 18.95 6.31
CA PHE B 201 10.26 18.26 6.71
C PHE B 201 9.37 19.04 7.64
N GLU B 202 9.31 20.34 7.40
CA GLU B 202 8.48 21.23 8.18
C GLU B 202 6.99 20.90 7.92
N GLY B 203 6.26 20.54 8.97
CA GLY B 203 4.84 20.26 8.82
C GLY B 203 4.45 18.92 8.23
N THR B 204 5.41 18.22 7.64
CA THR B 204 5.17 16.92 7.03
C THR B 204 4.49 15.90 7.98
N ALA B 205 4.99 15.79 9.20
CA ALA B 205 4.42 14.83 10.16
C ALA B 205 2.92 15.04 10.37
N GLU B 206 2.55 16.30 10.60
CA GLU B 206 1.17 16.66 10.84
C GLU B 206 0.30 16.26 9.68
N TRP B 207 0.81 16.48 8.47
CA TRP B 207 0.10 16.15 7.24
C TRP B 207 -0.19 14.65 7.25
N ILE B 208 0.86 13.85 7.38
CA ILE B 208 0.72 12.40 7.39
C ILE B 208 -0.28 11.97 8.45
N ALA B 209 -0.23 12.59 9.61
CA ALA B 209 -1.13 12.25 10.72
C ALA B 209 -2.55 12.51 10.30
N ARG B 210 -2.75 13.55 9.51
CA ARG B 210 -4.06 13.89 9.01
C ARG B 210 -4.61 12.86 8.05
N CYS B 211 -3.77 11.90 7.66
CA CYS B 211 -4.21 10.85 6.76
C CYS B 211 -4.76 9.64 7.52
N GLN B 212 -4.34 9.44 8.78
CA GLN B 212 -4.87 8.33 9.58
C GLN B 212 -6.37 8.55 9.74
N ASN B 213 -7.18 7.60 9.29
CA ASN B 213 -8.62 7.72 9.35
C ASN B 213 -9.31 7.03 10.52
N TRP B 214 -10.63 7.17 10.55
CA TRP B 214 -11.45 6.58 11.58
C TRP B 214 -11.16 5.13 11.90
N GLU B 215 -10.82 4.36 10.87
CA GLU B 215 -10.51 2.94 11.05
C GLU B 215 -9.21 2.73 11.83
N GLY B 216 -8.41 3.78 11.95
CA GLY B 216 -7.15 3.64 12.67
C GLY B 216 -6.01 3.47 11.70
N GLY B 217 -6.35 3.28 10.43
CA GLY B 217 -5.31 3.12 9.41
C GLY B 217 -5.05 4.42 8.68
N ILE B 218 -4.16 4.36 7.69
CA ILE B 218 -3.81 5.55 6.93
C ILE B 218 -4.13 5.42 5.45
N GLY B 219 -4.79 6.44 4.91
CA GLY B 219 -5.11 6.48 3.51
C GLY B 219 -3.98 7.24 2.81
N GLY B 220 -4.12 7.51 1.52
CA GLY B 220 -3.04 8.22 0.84
C GLY B 220 -3.09 9.71 1.15
N VAL B 221 -4.30 10.25 1.13
CA VAL B 221 -4.57 11.65 1.39
C VAL B 221 -5.65 11.65 2.46
N PRO B 222 -5.68 12.66 3.34
CA PRO B 222 -6.70 12.70 4.39
C PRO B 222 -8.11 12.43 3.83
N GLY B 223 -8.90 11.70 4.62
CA GLY B 223 -10.26 11.37 4.22
C GLY B 223 -10.39 10.00 3.56
N MET B 224 -9.37 9.62 2.80
CA MET B 224 -9.36 8.35 2.10
C MET B 224 -9.39 7.13 3.00
N GLU B 225 -9.96 6.06 2.45
CA GLU B 225 -10.07 4.79 3.16
C GLU B 225 -8.67 4.45 3.59
N ALA B 226 -8.54 3.90 4.76
CA ALA B 226 -7.25 3.50 5.31
C ALA B 226 -6.77 2.27 4.50
N HIS B 227 -5.49 2.20 4.17
CA HIS B 227 -4.96 1.11 3.38
C HIS B 227 -3.51 0.81 3.66
N GLY B 228 -3.27 -0.48 3.79
CA GLY B 228 -1.95 -0.99 4.08
C GLY B 228 -0.81 -0.19 3.53
N GLY B 229 -0.67 -0.18 2.20
CA GLY B 229 0.41 0.53 1.56
C GLY B 229 0.66 1.89 2.14
N TYR B 230 -0.33 2.77 2.04
CA TYR B 230 -0.19 4.11 2.53
C TYR B 230 0.11 4.12 4.01
N THR B 231 -0.57 3.25 4.75
CA THR B 231 -0.40 3.12 6.19
C THR B 231 1.07 2.85 6.48
N PHE B 232 1.69 1.89 5.79
CA PHE B 232 3.09 1.60 6.03
C PHE B 232 3.93 2.84 5.77
N CYS B 233 3.77 3.39 4.58
CA CYS B 233 4.51 4.56 4.20
C CYS B 233 4.39 5.61 5.30
N GLY B 234 3.16 5.80 5.78
CA GLY B 234 2.89 6.77 6.82
C GLY B 234 3.70 6.59 8.07
N LEU B 235 3.43 5.51 8.79
CA LEU B 235 4.11 5.29 10.04
C LEU B 235 5.63 5.25 9.92
N ALA B 236 6.14 4.54 8.90
CA ALA B 236 7.57 4.41 8.67
C ALA B 236 8.14 5.79 8.52
N ALA B 237 7.49 6.57 7.67
CA ALA B 237 7.88 7.93 7.44
C ALA B 237 8.01 8.58 8.82
N LEU B 238 6.95 8.46 9.62
CA LEU B 238 6.96 9.04 10.95
C LEU B 238 8.10 8.52 11.82
N VAL B 239 8.39 7.23 11.72
CA VAL B 239 9.46 6.61 12.49
C VAL B 239 10.77 7.27 12.16
N ILE B 240 10.96 7.58 10.88
CA ILE B 240 12.18 8.23 10.42
C ILE B 240 12.26 9.65 10.99
N LEU B 241 11.12 10.34 11.03
CA LEU B 241 11.05 11.69 11.54
C LEU B 241 10.83 11.73 13.04
N LYS B 242 10.88 10.57 13.66
CA LYS B 242 10.72 10.45 15.11
C LYS B 242 9.43 11.09 15.59
N LYS B 243 8.37 10.96 14.79
CA LYS B 243 7.08 11.55 15.12
C LYS B 243 5.92 10.57 15.19
N GLU B 244 6.20 9.30 15.43
CA GLU B 244 5.15 8.27 15.49
C GLU B 244 4.02 8.60 16.47
N ARG B 245 4.36 9.31 17.54
CA ARG B 245 3.41 9.68 18.58
C ARG B 245 2.31 10.57 18.07
N SER B 246 2.48 11.14 16.88
CA SER B 246 1.49 12.01 16.30
C SER B 246 0.24 11.22 15.95
N LEU B 247 0.42 9.92 15.72
CA LEU B 247 -0.67 9.03 15.38
C LEU B 247 -1.28 8.37 16.60
N ASN B 248 -2.57 8.05 16.49
CA ASN B 248 -3.26 7.33 17.55
C ASN B 248 -2.79 5.90 17.30
N LEU B 249 -1.70 5.53 17.96
CA LEU B 249 -1.15 4.19 17.80
C LEU B 249 -2.10 3.07 18.21
N LYS B 250 -3.00 3.35 19.14
CA LYS B 250 -3.94 2.34 19.57
C LYS B 250 -4.84 1.89 18.43
N SER B 251 -5.48 2.86 17.77
CA SER B 251 -6.36 2.55 16.65
C SER B 251 -5.60 1.89 15.47
N LEU B 252 -4.37 2.34 15.25
CA LEU B 252 -3.56 1.78 14.17
C LEU B 252 -3.26 0.30 14.41
N LEU B 253 -2.78 -0.04 15.61
CA LEU B 253 -2.46 -1.43 15.91
C LEU B 253 -3.65 -2.36 15.78
N GLN B 254 -4.76 -1.99 16.41
CA GLN B 254 -5.96 -2.81 16.36
C GLN B 254 -6.35 -3.06 14.91
N TRP B 255 -6.23 -2.02 14.10
CA TRP B 255 -6.57 -2.11 12.69
C TRP B 255 -5.70 -3.12 11.95
N VAL B 256 -4.39 -2.96 12.04
CA VAL B 256 -3.43 -3.86 11.35
C VAL B 256 -3.74 -5.32 11.65
N THR B 257 -3.84 -5.63 12.93
CA THR B 257 -4.12 -6.99 13.38
C THR B 257 -5.37 -7.47 12.65
N SER B 258 -6.33 -6.57 12.52
CA SER B 258 -7.59 -6.88 11.86
C SER B 258 -7.47 -7.09 10.36
N ARG B 259 -6.27 -6.93 9.82
CA ARG B 259 -6.09 -7.15 8.39
C ARG B 259 -5.70 -8.58 8.05
N GLN B 260 -5.24 -9.34 9.03
CA GLN B 260 -4.85 -10.74 8.77
C GLN B 260 -6.10 -11.58 8.58
N MET B 261 -6.14 -12.35 7.51
CA MET B 261 -7.27 -13.23 7.20
C MET B 261 -7.27 -14.48 8.08
N ARG B 262 -8.33 -14.65 8.87
CA ARG B 262 -8.41 -15.79 9.77
C ARG B 262 -8.17 -17.12 9.09
N PHE B 263 -8.86 -17.31 7.97
CA PHE B 263 -8.73 -18.55 7.22
C PHE B 263 -7.39 -18.60 6.50
N GLU B 264 -7.26 -17.79 5.45
CA GLU B 264 -6.06 -17.73 4.64
C GLU B 264 -4.75 -17.61 5.40
N GLY B 265 -4.74 -16.81 6.46
CA GLY B 265 -3.51 -16.64 7.22
C GLY B 265 -2.64 -15.48 6.73
N GLY B 266 -2.97 -14.92 5.57
CA GLY B 266 -2.23 -13.79 4.99
C GLY B 266 -2.88 -12.42 5.27
N PHE B 267 -2.43 -11.36 4.59
CA PHE B 267 -3.01 -10.02 4.83
C PHE B 267 -3.70 -9.34 3.65
N GLN B 268 -4.80 -8.66 3.98
CA GLN B 268 -5.58 -7.91 3.02
C GLN B 268 -5.03 -6.48 3.14
N GLY B 269 -5.32 -5.64 2.14
CA GLY B 269 -4.85 -4.27 2.14
C GLY B 269 -5.87 -3.29 2.65
N ARG B 270 -7.12 -3.73 2.66
CA ARG B 270 -8.25 -2.93 3.13
C ARG B 270 -9.24 -3.90 3.77
N CYS B 271 -10.13 -3.42 4.65
CA CYS B 271 -11.15 -4.27 5.28
C CYS B 271 -12.14 -4.75 4.21
N ASN B 272 -12.62 -5.99 4.34
CA ASN B 272 -13.58 -6.53 3.37
C ASN B 272 -13.04 -6.65 1.94
N LYS B 273 -11.71 -6.68 1.83
CA LYS B 273 -11.01 -6.80 0.55
C LYS B 273 -10.23 -8.11 0.58
N LEU B 274 -9.93 -8.67 -0.58
CA LEU B 274 -9.23 -9.94 -0.63
C LEU B 274 -7.81 -9.92 -0.07
N VAL B 275 -7.31 -11.13 0.19
CA VAL B 275 -5.96 -11.34 0.72
C VAL B 275 -4.92 -11.13 -0.40
N ASP B 276 -3.70 -10.73 -0.05
CA ASP B 276 -2.65 -10.51 -1.05
C ASP B 276 -1.21 -10.68 -0.49
N GLY B 277 -0.45 -11.51 -1.18
CA GLY B 277 0.92 -11.78 -0.79
C GLY B 277 1.78 -10.58 -0.49
N CYS B 278 1.64 -9.51 -1.26
CA CYS B 278 2.44 -8.31 -1.03
C CYS B 278 2.20 -7.69 0.34
N TYR B 279 0.95 -7.73 0.78
CA TYR B 279 0.59 -7.17 2.06
C TYR B 279 1.33 -7.88 3.19
N SER B 280 1.88 -9.05 2.88
CA SER B 280 2.66 -9.82 3.83
C SER B 280 3.75 -8.90 4.37
N PHE B 281 4.22 -7.98 3.54
CA PHE B 281 5.21 -7.05 4.00
C PHE B 281 4.50 -5.82 4.49
N TRP B 282 3.82 -5.16 3.57
CA TRP B 282 3.10 -3.94 3.87
C TRP B 282 2.43 -4.02 5.23
N GLN B 283 1.44 -4.90 5.32
CA GLN B 283 0.71 -5.04 6.54
C GLN B 283 1.55 -5.57 7.69
N ALA B 284 2.17 -6.74 7.53
CA ALA B 284 2.96 -7.31 8.61
C ALA B 284 4.21 -6.51 8.98
N GLY B 285 4.59 -5.59 8.10
CA GLY B 285 5.76 -4.76 8.32
C GLY B 285 5.46 -3.75 9.41
N LEU B 286 4.18 -3.43 9.59
CA LEU B 286 3.75 -2.48 10.60
C LEU B 286 4.11 -2.95 12.01
N LEU B 287 3.78 -4.21 12.30
CA LEU B 287 4.03 -4.75 13.63
C LEU B 287 5.41 -4.51 14.23
N PRO B 288 6.48 -4.68 13.44
CA PRO B 288 7.78 -4.43 14.06
C PRO B 288 7.95 -2.95 14.39
N LEU B 289 7.32 -2.09 13.62
CA LEU B 289 7.43 -0.65 13.84
C LEU B 289 6.68 -0.23 15.09
N LEU B 290 5.39 -0.58 15.14
CA LEU B 290 4.52 -0.28 16.28
C LEU B 290 5.16 -0.80 17.56
N HIS B 291 5.87 -1.90 17.42
CA HIS B 291 6.56 -2.49 18.54
C HIS B 291 7.64 -1.53 19.00
N ARG B 292 8.40 -1.00 18.05
CA ARG B 292 9.47 -0.06 18.38
C ARG B 292 8.90 1.12 19.13
N ALA B 293 7.88 1.70 18.52
CA ALA B 293 7.19 2.85 19.06
C ALA B 293 6.70 2.57 20.47
N LEU B 294 5.78 1.63 20.59
CA LEU B 294 5.26 1.33 21.90
C LEU B 294 6.39 1.06 22.89
N HIS B 295 7.41 0.31 22.47
CA HIS B 295 8.54 0.00 23.34
C HIS B 295 9.27 1.23 23.81
N ALA B 296 9.43 2.19 22.91
CA ALA B 296 10.11 3.43 23.24
C ALA B 296 9.30 4.18 24.29
N GLN B 297 7.98 4.00 24.22
CA GLN B 297 7.08 4.64 25.18
C GLN B 297 6.95 3.75 26.41
N GLY B 298 8.00 2.96 26.65
CA GLY B 298 8.05 2.08 27.79
C GLY B 298 6.93 1.07 27.97
N ASP B 299 6.16 0.79 26.93
CA ASP B 299 5.08 -0.19 27.04
C ASP B 299 5.61 -1.47 27.67
N PRO B 300 5.16 -1.77 28.88
CA PRO B 300 5.57 -2.96 29.62
C PRO B 300 4.93 -4.27 29.15
N ALA B 301 3.70 -4.20 28.63
CA ALA B 301 2.99 -5.40 28.21
C ALA B 301 3.41 -6.02 26.90
N LEU B 302 4.51 -5.55 26.34
CA LEU B 302 4.97 -6.12 25.08
C LEU B 302 5.59 -7.52 25.16
N SER B 303 5.39 -8.31 24.11
CA SER B 303 5.96 -9.64 24.04
C SER B 303 7.46 -9.47 23.74
N MET B 304 8.26 -10.40 24.22
CA MET B 304 9.70 -10.36 24.03
C MET B 304 10.17 -11.42 23.03
N SER B 305 9.23 -12.00 22.30
CA SER B 305 9.58 -13.02 21.35
C SER B 305 8.72 -13.03 20.09
N HIS B 306 7.57 -12.36 20.13
CA HIS B 306 6.67 -12.35 18.99
C HIS B 306 6.10 -11.01 18.56
N TRP B 307 5.82 -10.91 17.25
CA TRP B 307 5.20 -9.74 16.66
C TRP B 307 3.72 -9.94 16.96
N MET B 308 2.94 -8.86 17.00
CA MET B 308 1.51 -8.99 17.30
C MET B 308 0.61 -9.52 16.19
N PHE B 309 1.12 -10.46 15.41
CA PHE B 309 0.31 -11.05 14.35
C PHE B 309 0.67 -12.53 14.26
N HIS B 310 -0.20 -13.32 13.66
CA HIS B 310 0.05 -14.73 13.56
C HIS B 310 1.18 -15.07 12.59
N GLN B 311 2.41 -14.84 13.04
CA GLN B 311 3.60 -15.10 12.24
C GLN B 311 3.52 -16.45 11.54
N GLN B 312 3.19 -17.49 12.31
CA GLN B 312 3.07 -18.83 11.78
C GLN B 312 2.08 -18.87 10.61
N ALA B 313 0.90 -18.31 10.80
CA ALA B 313 -0.16 -18.28 9.78
C ALA B 313 0.24 -17.59 8.46
N LEU B 314 1.04 -16.52 8.54
CA LEU B 314 1.47 -15.80 7.34
C LEU B 314 2.45 -16.64 6.52
N GLN B 315 3.44 -17.22 7.18
CA GLN B 315 4.46 -18.03 6.50
C GLN B 315 3.83 -19.16 5.70
N GLU B 316 2.82 -19.78 6.30
CA GLU B 316 2.10 -20.88 5.67
C GLU B 316 1.41 -20.44 4.38
N TYR B 317 0.69 -19.32 4.44
CA TYR B 317 0.01 -18.82 3.26
C TYR B 317 1.05 -18.56 2.18
N ILE B 318 2.09 -17.83 2.54
CA ILE B 318 3.16 -17.49 1.61
C ILE B 318 3.65 -18.76 0.95
N LEU B 319 4.23 -19.61 1.78
CA LEU B 319 4.79 -20.87 1.34
C LEU B 319 3.82 -21.82 0.61
N MET B 320 2.60 -21.92 1.12
CA MET B 320 1.59 -22.79 0.52
C MET B 320 0.83 -22.24 -0.65
N CYS B 321 0.57 -20.94 -0.65
CA CYS B 321 -0.21 -20.32 -1.72
C CYS B 321 0.42 -19.26 -2.57
N CYS B 322 1.63 -18.84 -2.25
CA CYS B 322 2.23 -17.77 -3.03
C CYS B 322 3.47 -18.07 -3.85
N GLN B 323 3.82 -19.35 -3.98
CA GLN B 323 4.99 -19.71 -4.75
C GLN B 323 4.65 -20.26 -6.13
N CYS B 324 5.36 -19.78 -7.15
CA CYS B 324 5.15 -20.25 -8.52
C CYS B 324 6.21 -21.28 -8.86
N PRO B 325 5.80 -22.39 -9.50
CA PRO B 325 6.70 -23.48 -9.90
C PRO B 325 7.83 -23.01 -10.81
N ALA B 326 7.53 -22.09 -11.72
CA ALA B 326 8.52 -21.59 -12.66
C ALA B 326 9.45 -20.59 -11.98
N GLY B 327 9.11 -20.25 -10.72
CA GLY B 327 9.92 -19.32 -9.96
C GLY B 327 9.11 -18.07 -9.68
N GLY B 328 9.60 -17.28 -8.71
CA GLY B 328 8.92 -16.06 -8.32
C GLY B 328 7.79 -16.31 -7.32
N LEU B 329 7.21 -15.23 -6.81
CA LEU B 329 6.10 -15.37 -5.87
C LEU B 329 4.92 -14.55 -6.34
N LEU B 330 3.78 -14.61 -5.65
CA LEU B 330 2.65 -13.87 -6.17
C LEU B 330 1.58 -13.29 -5.24
N ASP B 331 0.50 -12.85 -5.88
CA ASP B 331 -0.66 -12.26 -5.24
C ASP B 331 -1.37 -13.37 -4.48
N LYS B 332 -2.24 -14.09 -5.19
CA LYS B 332 -3.02 -15.20 -4.63
C LYS B 332 -3.14 -16.23 -5.78
N PRO B 333 -3.18 -17.53 -5.45
CA PRO B 333 -3.29 -18.65 -6.39
C PRO B 333 -3.56 -18.34 -7.87
N GLY B 334 -4.76 -17.88 -8.21
CA GLY B 334 -5.05 -17.61 -9.61
C GLY B 334 -4.48 -16.37 -10.29
N LYS B 335 -3.30 -15.91 -9.88
CA LYS B 335 -2.68 -14.72 -10.47
C LYS B 335 -1.34 -15.02 -11.16
N SER B 336 -0.83 -14.08 -11.96
CA SER B 336 0.47 -14.28 -12.64
C SER B 336 1.57 -13.85 -11.66
N ARG B 337 2.76 -14.39 -11.82
CA ARG B 337 3.86 -14.03 -10.96
C ARG B 337 4.54 -12.75 -11.51
N ASP B 338 5.21 -12.01 -10.61
CA ASP B 338 5.93 -10.78 -10.99
C ASP B 338 6.95 -10.34 -9.94
N PHE B 339 7.98 -9.64 -10.36
CA PHE B 339 9.03 -9.20 -9.45
C PHE B 339 8.49 -8.41 -8.27
N TYR B 340 7.46 -7.60 -8.50
CA TYR B 340 6.88 -6.80 -7.44
C TYR B 340 6.57 -7.70 -6.26
N HIS B 341 5.66 -8.64 -6.46
CA HIS B 341 5.23 -9.54 -5.39
C HIS B 341 6.37 -10.40 -4.88
N THR B 342 7.30 -10.73 -5.75
CA THR B 342 8.44 -11.54 -5.38
C THR B 342 9.26 -10.80 -4.31
N CYS B 343 9.31 -9.48 -4.40
CA CYS B 343 10.03 -8.65 -3.44
C CYS B 343 9.23 -8.59 -2.11
N TYR B 344 7.94 -8.35 -2.20
CA TYR B 344 7.16 -8.22 -1.00
C TYR B 344 6.81 -9.44 -0.19
N CYS B 345 6.47 -10.54 -0.85
CA CYS B 345 6.13 -11.77 -0.16
C CYS B 345 7.36 -12.21 0.64
N LEU B 346 8.52 -12.16 0.00
CA LEU B 346 9.77 -12.53 0.64
C LEU B 346 10.00 -11.59 1.81
N SER B 347 9.96 -10.29 1.56
CA SER B 347 10.17 -9.33 2.64
C SER B 347 9.27 -9.69 3.83
N GLY B 348 7.99 -9.97 3.50
CA GLY B 348 6.99 -10.31 4.49
C GLY B 348 7.37 -11.55 5.27
N LEU B 349 7.80 -12.59 4.56
CA LEU B 349 8.21 -13.81 5.23
C LEU B 349 9.37 -13.54 6.20
N SER B 350 10.39 -12.82 5.76
CA SER B 350 11.53 -12.53 6.62
C SER B 350 11.04 -11.82 7.87
N ILE B 351 10.06 -10.94 7.68
CA ILE B 351 9.50 -10.18 8.79
C ILE B 351 8.92 -11.17 9.79
N ALA B 352 8.05 -12.03 9.31
CA ALA B 352 7.42 -13.02 10.18
C ALA B 352 8.41 -14.03 10.76
N GLN B 353 9.55 -14.17 10.11
CA GLN B 353 10.57 -15.12 10.55
C GLN B 353 11.52 -14.59 11.63
N HIS B 354 11.74 -13.28 11.67
CA HIS B 354 12.65 -12.73 12.66
C HIS B 354 11.97 -11.67 13.52
N PHE B 355 12.20 -11.78 14.82
CA PHE B 355 11.69 -10.84 15.83
C PHE B 355 12.93 -10.32 16.56
N GLY B 356 12.90 -9.06 16.98
CA GLY B 356 14.04 -8.50 17.69
C GLY B 356 13.60 -7.23 18.38
N SER B 357 13.86 -7.15 19.69
CA SER B 357 13.50 -5.98 20.47
C SER B 357 14.49 -5.87 21.63
N GLY B 358 15.39 -4.90 21.52
CA GLY B 358 16.40 -4.73 22.55
C GLY B 358 17.37 -5.87 22.26
N ALA B 359 17.61 -6.72 23.25
CA ALA B 359 18.52 -7.84 23.06
C ALA B 359 17.78 -9.13 22.77
N MET B 360 16.45 -9.09 22.85
CA MET B 360 15.64 -10.27 22.59
C MET B 360 15.57 -10.61 21.11
N LEU B 361 15.89 -11.85 20.78
CA LEU B 361 15.85 -12.35 19.40
C LEU B 361 15.15 -13.69 19.49
N HIS B 362 14.32 -13.99 18.50
CA HIS B 362 13.59 -15.26 18.50
C HIS B 362 12.97 -15.50 17.15
N ASP B 363 13.53 -16.44 16.41
CA ASP B 363 13.01 -16.76 15.09
C ASP B 363 11.82 -17.70 15.12
N VAL B 364 11.11 -17.72 14.01
CA VAL B 364 9.94 -18.59 13.82
C VAL B 364 10.02 -18.95 12.34
N VAL B 365 10.45 -20.16 12.07
CA VAL B 365 10.59 -20.62 10.70
C VAL B 365 9.69 -21.82 10.42
N MET B 366 8.62 -21.57 9.68
CA MET B 366 7.69 -22.62 9.30
C MET B 366 8.36 -23.43 8.19
N GLY B 367 8.17 -24.75 8.25
CA GLY B 367 8.77 -25.61 7.26
C GLY B 367 10.22 -25.94 7.57
N VAL B 368 10.99 -26.26 6.55
CA VAL B 368 12.40 -26.61 6.75
C VAL B 368 13.24 -25.41 7.19
N PRO B 369 14.21 -25.63 8.12
CA PRO B 369 15.11 -24.61 8.67
C PRO B 369 15.73 -23.72 7.62
N GLU B 370 15.92 -24.29 6.43
CA GLU B 370 16.51 -23.60 5.28
C GLU B 370 15.65 -22.46 4.73
N ASN B 371 14.41 -22.35 5.22
CA ASN B 371 13.49 -21.31 4.76
C ASN B 371 13.81 -19.92 5.32
N VAL B 372 14.78 -19.84 6.24
CA VAL B 372 15.17 -18.55 6.83
C VAL B 372 15.73 -17.57 5.83
N LEU B 373 15.06 -16.45 5.68
CA LEU B 373 15.51 -15.44 4.77
C LEU B 373 16.36 -14.49 5.57
N GLN B 374 17.09 -13.65 4.86
CA GLN B 374 17.89 -12.66 5.52
C GLN B 374 16.87 -11.71 6.09
N PRO B 375 17.11 -11.16 7.29
CA PRO B 375 16.16 -10.23 7.91
C PRO B 375 16.14 -8.91 7.14
N THR B 376 15.04 -8.17 7.25
CA THR B 376 14.96 -6.89 6.56
C THR B 376 14.59 -5.77 7.53
N HIS B 377 15.06 -4.55 7.23
CA HIS B 377 14.78 -3.39 8.06
C HIS B 377 13.32 -3.01 7.86
N PRO B 378 12.53 -2.98 8.92
CA PRO B 378 11.11 -2.65 8.87
C PRO B 378 10.80 -1.29 8.29
N VAL B 379 11.81 -0.44 8.20
CA VAL B 379 11.63 0.88 7.66
C VAL B 379 11.97 0.97 6.15
N TYR B 380 13.23 0.77 5.82
CA TYR B 380 13.69 0.86 4.44
C TYR B 380 13.47 -0.38 3.59
N ASN B 381 13.14 -1.49 4.25
CA ASN B 381 12.94 -2.76 3.57
C ASN B 381 14.15 -3.18 2.75
N ILE B 382 15.32 -3.06 3.38
CA ILE B 382 16.56 -3.48 2.77
C ILE B 382 17.30 -4.11 3.95
N GLY B 383 18.45 -4.72 3.70
CA GLY B 383 19.20 -5.37 4.78
C GLY B 383 19.62 -4.41 5.87
N PRO B 384 19.38 -4.72 7.17
CA PRO B 384 19.75 -3.89 8.32
C PRO B 384 21.23 -3.53 8.32
N ASP B 385 22.04 -4.48 7.87
CA ASP B 385 23.48 -4.24 7.78
C ASP B 385 23.73 -3.19 6.68
N LYS B 386 22.86 -3.19 5.67
CA LYS B 386 22.95 -2.26 4.56
C LYS B 386 22.61 -0.85 5.01
N VAL B 387 21.54 -0.73 5.78
CA VAL B 387 21.13 0.57 6.28
C VAL B 387 22.31 1.12 7.04
N ILE B 388 22.72 0.37 8.05
CA ILE B 388 23.83 0.76 8.92
C ILE B 388 25.08 1.16 8.15
N GLN B 389 25.35 0.42 7.07
CA GLN B 389 26.52 0.68 6.25
C GLN B 389 26.41 2.02 5.56
N ALA B 390 25.26 2.30 4.93
CA ALA B 390 25.01 3.55 4.19
C ALA B 390 24.95 4.84 5.01
N THR B 391 24.11 4.87 6.05
CA THR B 391 23.97 6.06 6.89
C THR B 391 25.33 6.43 7.45
N THR B 392 26.08 5.41 7.87
CA THR B 392 27.43 5.58 8.41
C THR B 392 28.31 6.26 7.35
N HIS B 393 28.20 5.81 6.11
CA HIS B 393 28.96 6.38 5.01
C HIS B 393 28.59 7.82 4.68
N PHE B 394 27.29 8.14 4.72
CA PHE B 394 26.81 9.48 4.40
C PHE B 394 26.92 10.46 5.57
N LEU B 395 27.07 9.94 6.78
CA LEU B 395 27.21 10.80 7.95
C LEU B 395 28.64 11.33 8.01
N GLN B 396 29.49 10.82 7.12
CA GLN B 396 30.89 11.25 7.01
C GLN B 396 30.81 12.62 6.37
N LYS B 397 29.82 12.77 5.49
CA LYS B 397 29.60 14.00 4.75
C LYS B 397 28.61 14.90 5.46
N PRO B 398 28.80 16.20 5.29
CA PRO B 398 27.93 17.21 5.88
C PRO B 398 26.61 17.34 5.11
N VAL B 399 25.52 17.67 5.81
CA VAL B 399 24.21 17.86 5.16
C VAL B 399 24.35 19.06 4.21
N PRO B 400 23.87 18.94 2.96
CA PRO B 400 23.97 20.03 1.98
C PRO B 400 23.28 21.27 2.51
N GLY B 401 23.68 22.41 2.01
CA GLY B 401 23.13 23.66 2.44
C GLY B 401 23.09 24.65 1.28
#